data_7VM1
#
_entry.id   7VM1
#
_cell.length_a   31.318
_cell.length_b   43.981
_cell.length_c   130.116
_cell.angle_alpha   99.170
_cell.angle_beta   93.900
_cell.angle_gamma   92.870
#
_symmetry.space_group_name_H-M   'P 1'
#
loop_
_entity.id
_entity.type
_entity.pdbx_description
1 polymer 'Heme acquisition protein HasAp'
2 non-polymer Fe-Tetra(4-pyridyl)porphyrin
3 non-polymer GLYCEROL
4 water water
#
_entity_poly.entity_id   1
_entity_poly.type   'polypeptide(L)'
_entity_poly.pdbx_seq_one_letter_code
;MSISISYSTTYSGWTVADYLADWSAYFGDVNHRPGQVVDGSNTGGFNPGPFDGSQYALKSTASDAAFIAGGDLHYTLFSN
PSHTLWGKLDSIALGDTLTGGASSGGYALDSQEVSFSNLGLDSPIAQGRDGTVHKVVYGLMSGDSSALQGQIDALLKAVD
PSLSINSTFDQLAAAGVAHATPAA
;
_entity_poly.pdbx_strand_id   A,B,C,D
#
loop_
_chem_comp.id
_chem_comp.type
_chem_comp.name
_chem_comp.formula
7OH non-polymer Fe-Tetra(4-pyridyl)porphyrin 'C40 H24 Fe N8'
GOL non-polymer GLYCEROL 'C3 H8 O3'
#
# COMPACT_ATOMS: atom_id res chain seq x y z
N SER A 2 -24.15 -15.97 41.81
CA SER A 2 -24.57 -15.60 40.42
C SER A 2 -23.97 -16.59 39.41
N ILE A 3 -24.47 -16.57 38.19
CA ILE A 3 -23.94 -17.42 37.12
C ILE A 3 -22.43 -17.27 37.02
N SER A 4 -21.77 -18.39 36.83
CA SER A 4 -20.31 -18.45 36.60
C SER A 4 -20.08 -19.22 35.33
N ILE A 5 -19.12 -18.77 34.52
CA ILE A 5 -18.85 -19.39 33.21
C ILE A 5 -17.35 -19.67 33.09
N SER A 6 -17.03 -20.86 32.59
N SER A 6 -17.03 -20.87 32.63
CA SER A 6 -15.65 -21.26 32.22
CA SER A 6 -15.67 -21.22 32.19
C SER A 6 -15.61 -21.50 30.71
C SER A 6 -15.69 -21.37 30.67
N TYR A 7 -14.61 -20.95 30.02
CA TYR A 7 -14.50 -21.08 28.56
C TYR A 7 -13.04 -21.27 28.18
N SER A 8 -12.80 -22.21 27.28
CA SER A 8 -11.51 -22.33 26.56
C SER A 8 -11.20 -20.98 25.89
N THR A 9 -9.99 -20.46 26.05
CA THR A 9 -9.60 -19.19 25.40
C THR A 9 -9.85 -19.25 23.89
N THR A 10 -10.05 -20.44 23.32
CA THR A 10 -10.39 -20.57 21.90
C THR A 10 -11.61 -19.71 21.57
N TYR A 11 -12.52 -19.56 22.51
CA TYR A 11 -13.81 -18.86 22.27
C TYR A 11 -13.79 -17.46 22.93
N SER A 12 -12.62 -16.93 23.23
CA SER A 12 -12.47 -15.61 23.88
C SER A 12 -13.35 -14.54 23.20
N GLY A 13 -13.29 -14.47 21.87
CA GLY A 13 -13.94 -13.41 21.10
C GLY A 13 -15.30 -13.82 20.59
N TRP A 14 -15.80 -14.99 20.97
CA TRP A 14 -17.16 -15.43 20.58
C TRP A 14 -18.20 -14.80 21.50
N THR A 15 -19.35 -14.46 20.94
CA THR A 15 -20.51 -14.18 21.80
C THR A 15 -21.09 -15.50 22.29
N VAL A 16 -21.73 -15.45 23.43
CA VAL A 16 -22.36 -16.66 24.02
C VAL A 16 -23.42 -17.18 23.06
N ALA A 17 -24.21 -16.30 22.48
CA ALA A 17 -25.26 -16.70 21.53
C ALA A 17 -24.64 -17.42 20.33
N ASP A 18 -23.53 -16.91 19.81
CA ASP A 18 -22.91 -17.51 18.62
C ASP A 18 -22.30 -18.88 18.97
N TYR A 19 -21.63 -18.97 20.11
CA TYR A 19 -21.06 -20.26 20.55
C TYR A 19 -22.18 -21.30 20.66
N LEU A 20 -23.27 -20.97 21.33
CA LEU A 20 -24.34 -21.97 21.62
C LEU A 20 -25.08 -22.37 20.34
N ALA A 21 -25.27 -21.45 19.40
CA ALA A 21 -25.94 -21.80 18.13
C ALA A 21 -25.04 -22.73 17.32
N ASP A 22 -23.75 -22.46 17.29
N ASP A 22 -23.76 -22.42 17.28
CA ASP A 22 -22.80 -23.31 16.55
CA ASP A 22 -22.75 -23.26 16.60
C ASP A 22 -22.62 -24.65 17.28
C ASP A 22 -22.68 -24.64 17.28
N TRP A 23 -22.67 -24.66 18.61
CA TRP A 23 -22.49 -25.91 19.34
C TRP A 23 -23.67 -26.87 19.09
N SER A 24 -24.87 -26.33 19.06
CA SER A 24 -26.09 -27.15 18.87
C SER A 24 -26.22 -27.62 17.42
N ALA A 25 -25.75 -26.81 16.47
CA ALA A 25 -25.71 -27.24 15.06
C ALA A 25 -24.73 -28.41 14.92
N TYR A 26 -23.64 -28.39 15.68
CA TYR A 26 -22.62 -29.45 15.59
C TYR A 26 -23.08 -30.70 16.35
N PHE A 27 -23.74 -30.52 17.49
CA PHE A 27 -24.22 -31.66 18.28
C PHE A 27 -25.35 -32.36 17.52
N GLY A 28 -26.19 -31.57 16.84
CA GLY A 28 -27.32 -32.11 16.07
C GLY A 28 -28.48 -32.55 16.95
N ASP A 29 -29.25 -33.49 16.43
CA ASP A 29 -30.48 -34.02 17.06
C ASP A 29 -30.31 -35.52 17.16
N VAL A 30 -30.38 -36.07 18.38
CA VAL A 30 -30.16 -37.51 18.61
C VAL A 30 -31.48 -38.25 18.43
N ASN A 31 -32.56 -37.53 18.17
CA ASN A 31 -33.87 -38.11 17.78
C ASN A 31 -34.45 -38.91 18.96
N HIS A 32 -34.45 -38.32 20.14
CA HIS A 32 -35.02 -38.99 21.32
C HIS A 32 -36.51 -38.76 21.23
N ARG A 33 -37.14 -39.61 20.46
CA ARG A 33 -38.57 -39.41 20.15
C ARG A 33 -39.23 -40.78 20.22
N PRO A 34 -40.52 -40.87 20.61
CA PRO A 34 -41.18 -42.18 20.69
C PRO A 34 -41.15 -42.87 19.33
N GLY A 35 -40.69 -44.12 19.36
CA GLY A 35 -40.43 -44.93 18.16
C GLY A 35 -39.00 -44.86 17.70
N GLN A 36 -38.24 -43.88 18.18
N GLN A 36 -38.23 -43.88 18.19
CA GLN A 36 -36.83 -43.67 17.74
CA GLN A 36 -36.84 -43.67 17.74
C GLN A 36 -35.86 -43.97 18.89
C GLN A 36 -35.87 -43.90 18.90
N VAL A 37 -36.36 -44.24 20.08
CA VAL A 37 -35.52 -44.64 21.23
C VAL A 37 -35.71 -46.15 21.40
N VAL A 38 -34.83 -46.93 20.82
CA VAL A 38 -35.01 -48.42 20.83
C VAL A 38 -33.86 -49.10 21.58
N ASP A 39 -32.91 -48.31 22.12
CA ASP A 39 -31.74 -48.84 22.85
C ASP A 39 -30.99 -47.63 23.41
N GLY A 40 -29.84 -47.87 24.04
CA GLY A 40 -29.11 -46.87 24.81
C GLY A 40 -28.27 -45.88 24.01
N SER A 41 -28.36 -45.83 22.68
CA SER A 41 -27.46 -44.95 21.89
C SER A 41 -27.95 -43.50 21.84
N ASN A 42 -29.23 -43.24 22.14
CA ASN A 42 -29.77 -41.86 22.19
C ASN A 42 -30.63 -41.66 23.46
N THR A 43 -30.43 -42.46 24.49
CA THR A 43 -31.16 -42.22 25.75
C THR A 43 -30.42 -41.20 26.63
N GLY A 44 -29.09 -41.20 26.55
CA GLY A 44 -28.28 -40.54 27.57
C GLY A 44 -28.17 -41.39 28.82
N GLY A 45 -27.56 -40.84 29.85
CA GLY A 45 -27.42 -41.53 31.13
C GLY A 45 -27.50 -40.63 32.35
N PHE A 46 -28.09 -41.17 33.41
CA PHE A 46 -28.16 -40.52 34.73
C PHE A 46 -27.03 -41.01 35.59
N ASN A 47 -26.56 -40.13 36.48
CA ASN A 47 -25.65 -40.50 37.58
C ASN A 47 -26.34 -40.13 38.88
N PRO A 48 -26.74 -41.11 39.74
CA PRO A 48 -26.54 -42.56 39.58
C PRO A 48 -27.50 -43.30 38.67
N GLY A 49 -28.65 -42.69 38.44
CA GLY A 49 -29.79 -43.39 37.81
C GLY A 49 -30.53 -44.28 38.81
N PRO A 50 -31.41 -45.14 38.32
CA PRO A 50 -31.67 -45.26 36.89
C PRO A 50 -32.48 -44.11 36.30
N PHE A 51 -33.36 -43.46 37.09
CA PHE A 51 -34.24 -42.40 36.56
C PHE A 51 -34.08 -41.05 37.26
N ASP A 52 -33.05 -40.91 38.10
N ASP A 52 -33.05 -40.90 38.11
CA ASP A 52 -32.71 -39.64 38.77
CA ASP A 52 -32.72 -39.57 38.67
C ASP A 52 -31.19 -39.53 38.83
C ASP A 52 -31.22 -39.53 38.88
N GLY A 53 -30.70 -38.31 39.05
CA GLY A 53 -29.26 -38.13 39.22
C GLY A 53 -28.86 -36.73 39.55
N SER A 54 -27.66 -36.62 40.11
CA SER A 54 -26.88 -35.35 40.17
C SER A 54 -26.35 -34.95 38.79
N GLN A 55 -26.29 -35.86 37.82
CA GLN A 55 -25.86 -35.56 36.44
C GLN A 55 -26.79 -36.29 35.47
N TYR A 56 -27.02 -35.67 34.33
CA TYR A 56 -27.58 -36.35 33.14
C TYR A 56 -26.70 -35.96 31.96
N ALA A 57 -26.16 -36.96 31.26
CA ALA A 57 -25.16 -36.75 30.19
C ALA A 57 -25.65 -37.38 28.89
N LEU A 58 -25.27 -36.77 27.78
CA LEU A 58 -25.64 -37.27 26.44
C LEU A 58 -24.50 -37.01 25.47
N LYS A 59 -24.13 -38.09 24.80
CA LYS A 59 -23.19 -38.05 23.68
C LYS A 59 -24.03 -37.80 22.43
N SER A 60 -23.49 -37.00 21.57
CA SER A 60 -24.07 -36.80 20.21
C SER A 60 -23.99 -38.10 19.40
N THR A 61 -24.96 -38.34 18.53
CA THR A 61 -24.89 -39.49 17.59
C THR A 61 -24.35 -39.06 16.23
N ALA A 62 -24.10 -37.77 16.02
CA ALA A 62 -23.57 -37.23 14.75
C ALA A 62 -22.07 -36.93 14.87
N SER A 63 -21.59 -36.62 16.08
CA SER A 63 -20.20 -36.15 16.32
C SER A 63 -19.73 -36.65 17.68
N ASP A 64 -18.56 -36.20 18.08
CA ASP A 64 -17.98 -36.49 19.42
C ASP A 64 -18.54 -35.55 20.48
N ALA A 65 -19.35 -34.57 20.11
CA ALA A 65 -19.87 -33.60 21.08
C ALA A 65 -20.64 -34.31 22.19
N ALA A 66 -20.62 -33.73 23.38
CA ALA A 66 -21.46 -34.24 24.48
C ALA A 66 -21.77 -33.08 25.41
N PHE A 67 -22.83 -33.24 26.19
CA PHE A 67 -23.12 -32.28 27.28
C PHE A 67 -23.39 -33.04 28.57
N ILE A 68 -23.23 -32.33 29.66
CA ILE A 68 -23.54 -32.85 31.02
C ILE A 68 -24.39 -31.82 31.72
N ALA A 69 -25.62 -32.20 32.06
CA ALA A 69 -26.51 -31.41 32.92
C ALA A 69 -26.23 -31.83 34.37
N GLY A 70 -25.97 -30.86 35.23
CA GLY A 70 -25.69 -31.11 36.65
C GLY A 70 -26.73 -30.48 37.53
N GLY A 71 -27.12 -31.18 38.59
CA GLY A 71 -27.99 -30.61 39.62
C GLY A 71 -28.61 -31.68 40.47
N ASP A 72 -29.94 -31.74 40.49
CA ASP A 72 -30.76 -32.76 41.18
C ASP A 72 -31.99 -33.00 40.28
N LEU A 73 -31.81 -33.89 39.33
CA LEU A 73 -32.72 -34.06 38.18
C LEU A 73 -33.48 -35.38 38.29
N HIS A 74 -34.69 -35.37 37.76
CA HIS A 74 -35.61 -36.53 37.82
C HIS A 74 -36.35 -36.66 36.50
N TYR A 75 -36.53 -37.90 36.05
CA TYR A 75 -37.25 -38.21 34.81
C TYR A 75 -38.50 -39.01 35.13
N THR A 76 -39.67 -38.56 34.68
CA THR A 76 -40.97 -39.18 35.06
C THR A 76 -41.15 -40.53 34.39
N LEU A 77 -40.44 -40.83 33.30
CA LEU A 77 -40.61 -42.06 32.49
C LEU A 77 -42.08 -42.09 32.03
N PHE A 78 -42.88 -43.10 32.36
CA PHE A 78 -44.29 -43.15 31.95
C PHE A 78 -45.23 -42.41 32.90
N SER A 79 -44.77 -42.04 34.11
CA SER A 79 -45.66 -41.46 35.15
C SER A 79 -46.10 -40.06 34.73
N ASN A 80 -47.30 -39.67 35.17
CA ASN A 80 -47.91 -38.37 34.79
C ASN A 80 -47.18 -37.24 35.50
N PRO A 81 -46.78 -36.14 34.81
CA PRO A 81 -46.81 -35.97 33.36
C PRO A 81 -45.67 -36.68 32.61
N SER A 82 -46.04 -37.50 31.65
N SER A 82 -46.06 -37.50 31.63
CA SER A 82 -45.11 -38.46 31.00
CA SER A 82 -45.19 -38.36 30.78
C SER A 82 -43.91 -37.72 30.39
C SER A 82 -43.89 -37.66 30.38
N HIS A 83 -42.76 -38.37 30.49
CA HIS A 83 -41.49 -38.03 29.82
C HIS A 83 -41.07 -36.59 30.12
N THR A 84 -40.96 -36.30 31.41
CA THR A 84 -40.57 -34.95 31.89
C THR A 84 -39.26 -35.07 32.63
N LEU A 85 -38.28 -34.28 32.24
CA LEU A 85 -37.08 -34.03 33.05
C LEU A 85 -37.33 -32.81 33.91
N TRP A 86 -37.30 -33.00 35.23
CA TRP A 86 -37.57 -31.89 36.16
C TRP A 86 -36.57 -31.93 37.30
N GLY A 87 -36.69 -30.96 38.21
CA GLY A 87 -35.82 -30.85 39.39
C GLY A 87 -34.97 -29.60 39.34
N LYS A 88 -33.80 -29.68 39.95
CA LYS A 88 -32.85 -28.54 39.97
C LYS A 88 -31.78 -28.71 38.88
N LEU A 89 -31.63 -27.69 38.05
CA LEU A 89 -30.56 -27.63 37.03
C LEU A 89 -29.62 -26.52 37.45
N ASP A 90 -28.46 -26.92 37.96
N ASP A 90 -28.43 -26.88 37.87
CA ASP A 90 -27.41 -26.00 38.44
CA ASP A 90 -27.47 -25.86 38.36
C ASP A 90 -26.37 -25.70 37.36
C ASP A 90 -26.26 -25.73 37.43
N SER A 91 -26.00 -26.67 36.51
CA SER A 91 -24.88 -26.50 35.58
C SER A 91 -25.13 -27.16 34.23
N ILE A 92 -24.52 -26.59 33.20
CA ILE A 92 -24.42 -27.20 31.85
C ILE A 92 -22.98 -27.11 31.37
N ALA A 93 -22.37 -28.26 31.06
CA ALA A 93 -21.02 -28.33 30.47
C ALA A 93 -21.13 -28.81 29.02
N LEU A 94 -20.40 -28.14 28.14
CA LEU A 94 -20.41 -28.46 26.69
C LEU A 94 -19.01 -28.78 26.21
N GLY A 95 -18.85 -29.82 25.43
CA GLY A 95 -17.53 -30.16 24.89
C GLY A 95 -17.53 -31.44 24.10
N ASP A 96 -16.36 -32.03 24.01
CA ASP A 96 -16.15 -33.28 23.26
C ASP A 96 -15.85 -34.43 24.22
N THR A 97 -16.35 -35.60 23.86
CA THR A 97 -15.91 -36.91 24.40
C THR A 97 -16.37 -37.10 25.85
N LEU A 98 -17.54 -37.67 26.01
CA LEU A 98 -18.04 -38.02 27.35
C LEU A 98 -17.17 -39.16 27.91
N THR A 99 -16.94 -39.12 29.21
CA THR A 99 -16.15 -40.15 29.90
C THR A 99 -16.74 -40.35 31.29
N GLY A 100 -16.63 -41.57 31.78
CA GLY A 100 -16.99 -41.87 33.17
C GLY A 100 -18.19 -42.79 33.31
N GLY A 101 -18.61 -42.96 34.54
CA GLY A 101 -19.77 -43.79 34.90
C GLY A 101 -19.99 -43.69 36.40
N ALA A 102 -21.04 -44.35 36.87
CA ALA A 102 -21.49 -44.24 38.27
C ALA A 102 -20.42 -44.72 39.25
N SER A 103 -19.48 -45.55 38.81
N SER A 103 -19.48 -45.56 38.82
CA SER A 103 -18.47 -46.14 39.72
CA SER A 103 -18.48 -46.12 39.76
C SER A 103 -17.07 -45.60 39.45
C SER A 103 -17.06 -45.65 39.41
N SER A 104 -16.90 -44.80 38.39
CA SER A 104 -15.57 -44.32 37.94
CA SER A 104 -15.57 -44.32 37.92
C SER A 104 -15.36 -42.85 38.28
N GLY A 105 -16.24 -42.27 39.09
CA GLY A 105 -16.15 -40.85 39.47
C GLY A 105 -17.25 -39.98 38.89
N GLY A 106 -18.24 -40.55 38.20
CA GLY A 106 -19.29 -39.76 37.54
C GLY A 106 -18.97 -39.50 36.09
N TYR A 107 -19.67 -38.54 35.51
CA TYR A 107 -19.49 -38.13 34.10
C TYR A 107 -18.58 -36.91 34.03
N ALA A 108 -17.80 -36.85 32.97
CA ALA A 108 -16.96 -35.68 32.65
C ALA A 108 -16.73 -35.66 31.15
N LEU A 109 -16.12 -34.58 30.69
CA LEU A 109 -15.79 -34.40 29.26
C LEU A 109 -14.28 -34.43 29.15
N ASP A 110 -13.78 -35.23 28.20
CA ASP A 110 -12.33 -35.24 27.87
C ASP A 110 -11.88 -33.84 27.45
N SER A 111 -12.66 -33.16 26.63
CA SER A 111 -12.35 -31.78 26.16
C SER A 111 -13.56 -30.90 26.42
N GLN A 112 -13.67 -30.37 27.62
CA GLN A 112 -14.73 -29.40 27.92
C GLN A 112 -14.38 -28.09 27.24
N GLU A 113 -15.37 -27.44 26.67
CA GLU A 113 -15.15 -26.13 25.99
C GLU A 113 -15.72 -25.01 26.85
N VAL A 114 -16.97 -25.13 27.24
CA VAL A 114 -17.68 -24.07 27.99
C VAL A 114 -18.54 -24.73 29.06
N SER A 115 -18.65 -24.09 30.21
CA SER A 115 -19.59 -24.54 31.25
C SER A 115 -20.31 -23.33 31.83
N PHE A 116 -21.57 -23.53 32.17
CA PHE A 116 -22.42 -22.52 32.83
C PHE A 116 -22.87 -23.12 34.15
N SER A 117 -22.50 -22.46 35.24
CA SER A 117 -22.73 -22.93 36.62
C SER A 117 -23.59 -21.93 37.38
N ASN A 118 -24.11 -22.39 38.51
CA ASN A 118 -25.00 -21.60 39.40
C ASN A 118 -26.19 -21.10 38.60
N LEU A 119 -26.80 -22.00 37.86
CA LEU A 119 -27.95 -21.60 37.02
C LEU A 119 -29.18 -21.36 37.89
N GLY A 120 -29.26 -21.99 39.06
CA GLY A 120 -30.39 -21.83 39.99
C GLY A 120 -31.74 -22.05 39.33
N LEU A 121 -31.81 -22.93 38.33
CA LEU A 121 -33.12 -23.31 37.76
C LEU A 121 -33.72 -24.42 38.61
N ASP A 122 -35.00 -24.33 38.86
CA ASP A 122 -35.73 -25.35 39.63
C ASP A 122 -37.13 -25.49 39.03
N SER A 123 -37.41 -26.60 38.36
CA SER A 123 -38.75 -26.81 37.75
C SER A 123 -39.48 -27.90 38.51
N PRO A 124 -40.73 -27.64 38.96
CA PRO A 124 -41.52 -28.69 39.62
C PRO A 124 -42.16 -29.65 38.61
N ILE A 125 -42.36 -30.89 39.05
CA ILE A 125 -42.91 -31.97 38.18
C ILE A 125 -44.18 -31.49 37.47
N ALA A 126 -44.99 -30.68 38.14
CA ALA A 126 -46.33 -30.32 37.68
C ALA A 126 -46.29 -29.45 36.42
N GLN A 127 -45.18 -28.77 36.17
N GLN A 127 -45.18 -28.79 36.15
CA GLN A 127 -44.99 -28.00 34.91
CA GLN A 127 -45.05 -28.02 34.90
C GLN A 127 -44.81 -28.95 33.73
C GLN A 127 -44.78 -28.94 33.72
N GLY A 128 -44.52 -30.23 33.97
CA GLY A 128 -44.33 -31.20 32.87
C GLY A 128 -43.25 -30.76 31.91
N ARG A 129 -43.47 -30.99 30.61
CA ARG A 129 -42.49 -30.65 29.55
C ARG A 129 -42.47 -29.16 29.28
N ASP A 130 -43.32 -28.39 29.94
CA ASP A 130 -43.27 -26.90 29.83
C ASP A 130 -42.35 -26.33 30.89
N GLY A 131 -41.80 -27.15 31.78
CA GLY A 131 -40.83 -26.65 32.77
C GLY A 131 -39.57 -26.13 32.09
N THR A 132 -38.93 -25.16 32.72
CA THR A 132 -37.72 -24.54 32.12
C THR A 132 -36.61 -25.58 32.01
N VAL A 133 -36.36 -26.33 33.06
CA VAL A 133 -35.29 -27.36 33.05
C VAL A 133 -35.53 -28.30 31.86
N HIS A 134 -36.75 -28.83 31.73
CA HIS A 134 -37.05 -29.79 30.65
C HIS A 134 -36.72 -29.16 29.29
N LYS A 135 -37.21 -27.95 29.05
CA LYS A 135 -37.02 -27.27 27.76
C LYS A 135 -35.54 -26.98 27.52
N VAL A 136 -34.82 -26.56 28.55
CA VAL A 136 -33.37 -26.26 28.40
C VAL A 136 -32.65 -27.53 27.95
N VAL A 137 -32.80 -28.62 28.70
CA VAL A 137 -32.03 -29.84 28.41
C VAL A 137 -32.57 -30.53 27.16
N TYR A 138 -33.87 -30.58 26.97
CA TYR A 138 -34.39 -31.28 25.77
C TYR A 138 -33.99 -30.50 24.52
N GLY A 139 -33.93 -29.18 24.60
CA GLY A 139 -33.45 -28.38 23.47
C GLY A 139 -32.07 -28.81 23.06
N LEU A 140 -31.20 -29.06 24.03
CA LEU A 140 -29.82 -29.49 23.70
C LEU A 140 -29.83 -30.88 23.09
N MET A 141 -30.66 -31.77 23.63
CA MET A 141 -30.79 -33.13 23.05
C MET A 141 -31.19 -33.04 21.57
N SER A 142 -32.05 -32.09 21.23
CA SER A 142 -32.72 -32.06 19.91
C SER A 142 -32.12 -30.99 19.00
N GLY A 143 -30.95 -30.45 19.37
CA GLY A 143 -30.23 -29.49 18.53
C GLY A 143 -30.80 -28.09 18.53
N ASP A 144 -31.37 -27.63 19.63
CA ASP A 144 -31.96 -26.27 19.71
C ASP A 144 -31.60 -25.66 21.06
N SER A 145 -30.63 -24.76 21.09
CA SER A 145 -30.17 -24.14 22.34
C SER A 145 -30.95 -22.88 22.70
N SER A 146 -32.08 -22.60 22.04
CA SER A 146 -32.85 -21.35 22.28
CA SER A 146 -32.83 -21.34 22.28
C SER A 146 -33.18 -21.20 23.77
N ALA A 147 -33.69 -22.26 24.39
CA ALA A 147 -34.15 -22.17 25.80
C ALA A 147 -32.95 -21.90 26.73
N LEU A 148 -31.86 -22.65 26.58
CA LEU A 148 -30.62 -22.38 27.35
C LEU A 148 -30.18 -20.93 27.10
N GLN A 149 -30.12 -20.49 25.84
CA GLN A 149 -29.68 -19.12 25.54
C GLN A 149 -30.55 -18.14 26.32
N GLY A 150 -31.87 -18.36 26.29
CA GLY A 150 -32.80 -17.42 26.95
C GLY A 150 -32.60 -17.41 28.45
N GLN A 151 -32.20 -18.54 29.01
CA GLN A 151 -31.93 -18.62 30.46
C GLN A 151 -30.62 -17.95 30.80
N ILE A 152 -29.59 -18.16 29.99
CA ILE A 152 -28.28 -17.49 30.25
CA ILE A 152 -28.27 -17.49 30.22
C ILE A 152 -28.46 -15.98 30.08
N ASP A 153 -29.25 -15.56 29.10
CA ASP A 153 -29.50 -14.12 28.86
C ASP A 153 -30.04 -13.49 30.14
N ALA A 154 -31.09 -14.09 30.70
CA ALA A 154 -31.79 -13.56 31.89
C ALA A 154 -30.88 -13.53 33.12
N LEU A 155 -30.04 -14.55 33.29
CA LEU A 155 -29.14 -14.59 34.47
C LEU A 155 -28.06 -13.51 34.31
N LEU A 156 -27.53 -13.33 33.10
CA LEU A 156 -26.47 -12.32 32.90
C LEU A 156 -27.03 -10.92 33.12
N LYS A 157 -28.23 -10.64 32.62
CA LYS A 157 -28.85 -9.33 32.85
C LYS A 157 -29.12 -9.11 34.34
N ALA A 158 -29.36 -10.17 35.10
CA ALA A 158 -29.55 -10.03 36.56
C ALA A 158 -28.24 -9.61 37.22
N VAL A 159 -27.09 -10.00 36.67
CA VAL A 159 -25.79 -9.54 37.21
C VAL A 159 -25.61 -8.05 36.85
N ASP A 160 -25.85 -7.71 35.59
CA ASP A 160 -25.88 -6.30 35.11
C ASP A 160 -26.62 -6.26 33.78
N PRO A 161 -27.55 -5.30 33.59
CA PRO A 161 -28.29 -5.20 32.34
C PRO A 161 -27.41 -4.89 31.11
N SER A 162 -26.17 -4.47 31.31
CA SER A 162 -25.26 -4.27 30.17
C SER A 162 -24.79 -5.62 29.61
N LEU A 163 -24.94 -6.70 30.38
CA LEU A 163 -24.51 -8.04 29.91
C LEU A 163 -25.68 -8.77 29.28
N SER A 164 -25.35 -9.73 28.43
CA SER A 164 -26.33 -10.46 27.62
C SER A 164 -25.62 -11.61 26.92
N ILE A 165 -26.39 -12.44 26.23
CA ILE A 165 -25.78 -13.55 25.44
C ILE A 165 -25.11 -12.99 24.20
N ASN A 166 -25.26 -11.71 23.95
CA ASN A 166 -24.52 -11.05 22.87
C ASN A 166 -23.17 -10.54 23.39
N SER A 167 -22.89 -10.65 24.67
CA SER A 167 -21.54 -10.37 25.20
C SER A 167 -20.58 -11.45 24.70
N THR A 168 -19.32 -11.10 24.56
CA THR A 168 -18.26 -12.10 24.34
C THR A 168 -17.84 -12.71 25.67
N PHE A 169 -17.26 -13.90 25.60
CA PHE A 169 -16.68 -14.56 26.78
C PHE A 169 -15.64 -13.64 27.44
N ASP A 170 -14.78 -13.00 26.66
CA ASP A 170 -13.77 -12.07 27.21
C ASP A 170 -14.44 -10.90 27.90
N GLN A 171 -15.55 -10.42 27.37
CA GLN A 171 -16.29 -9.31 28.01
C GLN A 171 -16.89 -9.79 29.32
N LEU A 172 -17.47 -11.00 29.32
CA LEU A 172 -18.03 -11.55 30.57
C LEU A 172 -16.91 -11.78 31.59
N ALA A 173 -15.71 -12.10 31.15
CA ALA A 173 -14.59 -12.31 32.11
C ALA A 173 -14.14 -10.97 32.68
N ALA A 174 -14.15 -9.92 31.86
CA ALA A 174 -13.90 -8.55 32.36
C ALA A 174 -14.96 -8.21 33.41
N ALA A 175 -16.18 -8.71 33.24
CA ALA A 175 -17.30 -8.40 34.16
C ALA A 175 -17.20 -9.26 35.43
N GLY A 176 -16.26 -10.21 35.49
CA GLY A 176 -16.09 -11.11 36.64
C GLY A 176 -16.95 -12.35 36.60
N VAL A 177 -17.83 -12.46 35.62
N VAL A 177 -17.83 -12.51 35.61
CA VAL A 177 -18.75 -13.62 35.47
CA VAL A 177 -18.74 -13.67 35.57
C VAL A 177 -17.99 -14.82 34.92
C VAL A 177 -18.08 -14.85 34.85
N ALA A 178 -17.16 -14.60 33.91
CA ALA A 178 -16.55 -15.69 33.13
C ALA A 178 -15.07 -15.86 33.48
N HIS A 179 -14.53 -17.03 33.19
CA HIS A 179 -13.13 -17.34 33.51
C HIS A 179 -12.54 -18.14 32.36
N ALA A 180 -11.51 -17.61 31.73
CA ALA A 180 -10.84 -18.31 30.61
C ALA A 180 -10.01 -19.48 31.14
N THR A 181 -10.06 -20.59 30.44
CA THR A 181 -9.18 -21.76 30.69
C THR A 181 -8.30 -21.96 29.48
N PRO A 182 -7.03 -22.39 29.69
CA PRO A 182 -6.14 -22.66 28.58
C PRO A 182 -6.75 -23.67 27.60
N ALA A 183 -6.54 -23.44 26.30
CA ALA A 183 -7.11 -24.28 25.25
C ALA A 183 -6.53 -25.70 25.30
N ALA A 184 -7.37 -26.70 25.04
CA ALA A 184 -6.92 -28.09 24.77
C ALA A 184 -8.09 -28.96 24.29
N MET B 1 2.98 29.72 8.13
CA MET B 1 4.13 29.87 7.18
C MET B 1 3.53 30.18 5.82
N SER B 2 4.15 31.04 5.05
CA SER B 2 3.61 31.34 3.71
C SER B 2 4.14 30.31 2.71
N ILE B 3 3.60 30.30 1.50
CA ILE B 3 4.08 29.41 0.42
C ILE B 3 5.58 29.58 0.28
N SER B 4 6.24 28.47 0.16
N SER B 4 6.25 28.47 0.20
CA SER B 4 7.68 28.47 -0.09
CA SER B 4 7.69 28.49 -0.09
C SER B 4 7.87 27.71 -1.40
C SER B 4 7.90 27.70 -1.36
N ILE B 5 8.77 28.20 -2.22
CA ILE B 5 9.06 27.56 -3.53
C ILE B 5 10.55 27.28 -3.62
N SER B 6 10.87 26.07 -4.06
CA SER B 6 12.23 25.67 -4.51
CA SER B 6 12.24 25.72 -4.50
C SER B 6 12.32 25.47 -6.03
N TYR B 7 13.37 25.97 -6.64
CA TYR B 7 13.48 25.82 -8.11
C TYR B 7 14.92 25.59 -8.50
N SER B 8 15.13 24.74 -9.48
CA SER B 8 16.43 24.61 -10.14
C SER B 8 16.76 25.93 -10.85
N THR B 9 17.99 26.41 -10.69
CA THR B 9 18.45 27.65 -11.38
C THR B 9 18.16 27.60 -12.89
N THR B 10 17.98 26.41 -13.45
CA THR B 10 17.59 26.28 -14.86
C THR B 10 16.40 27.19 -15.17
N TYR B 11 15.43 27.27 -14.26
CA TYR B 11 14.16 27.99 -14.49
C TYR B 11 14.18 29.39 -13.84
N SER B 12 15.36 29.93 -13.55
CA SER B 12 15.50 31.25 -12.88
C SER B 12 14.63 32.32 -13.56
N GLY B 13 14.69 32.37 -14.90
CA GLY B 13 14.02 33.45 -15.64
C GLY B 13 12.67 33.07 -16.19
N TRP B 14 12.19 31.87 -15.84
CA TRP B 14 10.83 31.43 -16.21
C TRP B 14 9.82 32.07 -15.27
N THR B 15 8.67 32.43 -15.81
CA THR B 15 7.50 32.72 -14.96
C THR B 15 6.92 31.39 -14.45
N VAL B 16 6.27 31.45 -13.31
CA VAL B 16 5.61 30.24 -12.74
C VAL B 16 4.57 29.73 -13.73
N ALA B 17 3.80 30.62 -14.33
CA ALA B 17 2.74 30.21 -15.27
C ALA B 17 3.36 29.47 -16.45
N ASP B 18 4.48 29.97 -16.95
CA ASP B 18 5.10 29.37 -18.16
C ASP B 18 5.71 28.02 -17.80
N TYR B 19 6.32 27.91 -16.63
CA TYR B 19 6.92 26.62 -16.21
C TYR B 19 5.82 25.56 -16.11
N LEU B 20 4.72 25.90 -15.43
CA LEU B 20 3.66 24.91 -15.12
C LEU B 20 2.92 24.51 -16.41
N ALA B 21 2.70 25.45 -17.32
CA ALA B 21 2.03 25.14 -18.60
C ALA B 21 2.89 24.16 -19.39
N ASP B 22 4.18 24.42 -19.50
CA ASP B 22 5.04 23.54 -20.30
C ASP B 22 5.26 22.22 -19.58
N TRP B 23 5.31 22.23 -18.25
CA TRP B 23 5.48 20.95 -17.51
C TRP B 23 4.28 20.02 -17.74
N SER B 24 3.08 20.54 -17.58
CA SER B 24 1.85 19.73 -17.78
C SER B 24 1.79 19.22 -19.23
N ALA B 25 2.22 20.01 -20.21
CA ALA B 25 2.23 19.55 -21.61
C ALA B 25 3.29 18.45 -21.79
N TYR B 26 4.37 18.53 -21.04
CA TYR B 26 5.44 17.51 -21.09
C TYR B 26 5.00 16.24 -20.34
N PHE B 27 4.32 16.41 -19.22
CA PHE B 27 3.78 15.25 -18.47
C PHE B 27 2.69 14.56 -19.30
N GLY B 28 1.79 15.36 -19.89
CA GLY B 28 0.64 14.87 -20.66
C GLY B 28 -0.49 14.34 -19.79
N ASP B 29 -1.27 13.44 -20.36
CA ASP B 29 -2.47 12.86 -19.76
C ASP B 29 -2.22 11.37 -19.58
N VAL B 30 -2.42 10.85 -18.37
CA VAL B 30 -2.21 9.41 -18.11
C VAL B 30 -3.52 8.65 -18.37
N ASN B 31 -4.59 9.37 -18.65
CA ASN B 31 -5.90 8.77 -18.99
C ASN B 31 -6.37 7.90 -17.83
N HIS B 32 -6.42 8.50 -16.65
CA HIS B 32 -7.04 7.86 -15.46
C HIS B 32 -8.53 8.14 -15.54
N ARG B 33 -9.18 7.34 -16.35
CA ARG B 33 -10.63 7.51 -16.60
C ARG B 33 -11.29 6.13 -16.56
N PRO B 34 -12.57 6.03 -16.20
CA PRO B 34 -13.27 4.74 -16.16
C PRO B 34 -13.11 3.95 -17.45
N GLY B 35 -12.77 2.67 -17.31
CA GLY B 35 -12.49 1.83 -18.49
C GLY B 35 -11.07 1.98 -19.00
N GLN B 36 -10.32 2.97 -18.52
CA GLN B 36 -8.94 3.22 -18.96
C GLN B 36 -7.98 2.99 -17.78
N VAL B 37 -8.52 2.67 -16.60
CA VAL B 37 -7.66 2.29 -15.46
C VAL B 37 -7.89 0.80 -15.28
N VAL B 38 -7.00 0.01 -15.85
CA VAL B 38 -7.16 -1.47 -15.85
C VAL B 38 -6.02 -2.12 -15.08
N ASP B 39 -5.04 -1.34 -14.61
CA ASP B 39 -3.87 -1.86 -13.87
C ASP B 39 -3.08 -0.68 -13.30
N GLY B 40 -1.93 -0.98 -12.72
CA GLY B 40 -1.16 -0.02 -11.90
C GLY B 40 -0.40 1.05 -12.68
N SER B 41 -0.44 1.04 -14.01
CA SER B 41 0.42 1.93 -14.82
C SER B 41 -0.09 3.38 -14.88
N ASN B 42 -1.35 3.64 -14.55
CA ASN B 42 -1.84 5.03 -14.48
C ASN B 42 -2.71 5.24 -13.24
N THR B 43 -2.49 4.45 -12.19
CA THR B 43 -3.27 4.66 -10.95
C THR B 43 -2.64 5.76 -10.11
N GLY B 44 -1.32 5.81 -10.10
CA GLY B 44 -0.58 6.51 -9.06
C GLY B 44 -0.49 5.66 -7.82
N GLY B 45 0.18 6.18 -6.83
CA GLY B 45 0.45 5.39 -5.62
C GLY B 45 0.42 6.24 -4.38
N PHE B 46 -0.12 5.68 -3.32
CA PHE B 46 -0.15 6.35 -2.01
C PHE B 46 1.02 5.86 -1.19
N ASN B 47 1.59 6.76 -0.41
CA ASN B 47 2.49 6.37 0.69
C ASN B 47 1.77 6.69 1.97
N PRO B 48 1.39 5.67 2.79
CA PRO B 48 1.69 4.25 2.54
C PRO B 48 0.61 3.45 1.82
N GLY B 49 -0.58 4.05 1.56
CA GLY B 49 -1.65 3.32 0.90
C GLY B 49 -2.35 2.42 1.89
N PRO B 50 -3.46 1.73 1.49
CA PRO B 50 -3.92 1.65 0.12
C PRO B 50 -4.68 2.85 -0.46
N PHE B 51 -5.45 3.54 0.37
CA PHE B 51 -6.35 4.59 -0.15
C PHE B 51 -6.13 5.91 0.57
N ASP B 52 -5.04 6.02 1.33
CA ASP B 52 -4.72 7.25 2.11
C ASP B 52 -3.21 7.34 2.22
N GLY B 53 -2.71 8.53 2.45
CA GLY B 53 -1.27 8.69 2.60
C GLY B 53 -0.85 10.09 2.87
N SER B 54 0.38 10.23 3.33
CA SER B 54 1.08 11.53 3.41
C SER B 54 1.63 11.93 2.03
N GLN B 55 1.68 11.00 1.07
CA GLN B 55 2.05 11.34 -0.32
C GLN B 55 1.14 10.60 -1.29
N TYR B 56 0.89 11.23 -2.41
CA TYR B 56 0.33 10.57 -3.61
C TYR B 56 1.25 10.93 -4.76
N ALA B 57 1.75 9.94 -5.47
CA ALA B 57 2.78 10.13 -6.54
C ALA B 57 2.33 9.46 -7.83
N LEU B 58 2.70 10.06 -8.94
CA LEU B 58 2.25 9.61 -10.28
C LEU B 58 3.37 9.84 -11.28
N LYS B 59 3.78 8.78 -11.96
CA LYS B 59 4.72 8.87 -13.10
C LYS B 59 3.94 9.11 -14.38
N SER B 60 4.45 9.98 -15.24
CA SER B 60 3.85 10.16 -16.58
C SER B 60 3.93 8.84 -17.35
N THR B 61 2.95 8.57 -18.20
CA THR B 61 3.05 7.40 -19.10
C THR B 61 3.62 7.82 -20.46
N ALA B 62 3.90 9.10 -20.67
CA ALA B 62 4.43 9.60 -21.96
C ALA B 62 5.92 9.94 -21.85
N SER B 63 6.38 10.28 -20.65
CA SER B 63 7.76 10.76 -20.42
C SER B 63 8.24 10.28 -19.05
N ASP B 64 9.44 10.69 -18.68
CA ASP B 64 10.03 10.38 -17.35
C ASP B 64 9.54 11.35 -16.29
N ALA B 65 8.69 12.31 -16.64
CA ALA B 65 8.10 13.28 -15.71
C ALA B 65 7.29 12.57 -14.63
N ALA B 66 7.22 13.19 -13.45
CA ALA B 66 6.46 12.64 -12.32
C ALA B 66 6.19 13.75 -11.35
N PHE B 67 5.11 13.62 -10.61
CA PHE B 67 4.83 14.58 -9.52
C PHE B 67 4.57 13.84 -8.21
N ILE B 68 4.73 14.55 -7.11
CA ILE B 68 4.42 14.01 -5.77
C ILE B 68 3.58 15.05 -5.05
N ALA B 69 2.38 14.66 -4.65
CA ALA B 69 1.50 15.50 -3.81
C ALA B 69 1.75 15.08 -2.36
N GLY B 70 1.97 16.06 -1.49
CA GLY B 70 2.23 15.81 -0.07
C GLY B 70 1.16 16.44 0.79
N GLY B 71 0.75 15.72 1.84
CA GLY B 71 -0.10 16.31 2.89
C GLY B 71 -0.72 15.22 3.73
N ASP B 72 -2.04 15.19 3.71
CA ASP B 72 -2.83 14.15 4.40
C ASP B 72 -4.00 13.83 3.47
N LEU B 73 -3.78 12.91 2.53
CA LEU B 73 -4.70 12.75 1.39
C LEU B 73 -5.46 11.43 1.51
N HIS B 74 -6.69 11.46 0.99
CA HIS B 74 -7.68 10.37 1.07
C HIS B 74 -8.33 10.18 -0.29
N TYR B 75 -8.55 8.95 -0.68
CA TYR B 75 -9.27 8.61 -1.91
C TYR B 75 -10.53 7.83 -1.56
N THR B 76 -11.66 8.24 -2.08
CA THR B 76 -12.95 7.61 -1.69
C THR B 76 -13.18 6.30 -2.40
N LEU B 77 -12.47 6.03 -3.49
CA LEU B 77 -12.72 4.86 -4.36
C LEU B 77 -14.22 4.87 -4.73
N PHE B 78 -14.99 3.84 -4.40
CA PHE B 78 -16.42 3.78 -4.80
C PHE B 78 -17.34 4.49 -3.81
N SER B 79 -16.87 4.86 -2.63
CA SER B 79 -17.72 5.44 -1.58
C SER B 79 -18.12 6.85 -1.97
N ASN B 80 -19.35 7.21 -1.64
CA ASN B 80 -19.85 8.57 -1.95
C ASN B 80 -19.00 9.58 -1.20
N PRO B 81 -18.47 10.63 -1.87
CA PRO B 81 -18.58 10.86 -3.32
C PRO B 81 -17.47 10.14 -4.09
N SER B 82 -17.87 9.36 -5.09
CA SER B 82 -16.98 8.38 -5.73
C SER B 82 -15.79 9.10 -6.36
N HIS B 83 -14.62 8.48 -6.23
CA HIS B 83 -13.40 8.84 -6.99
C HIS B 83 -13.00 10.27 -6.66
N THR B 84 -12.95 10.58 -5.38
CA THR B 84 -12.57 11.92 -4.87
C THR B 84 -11.26 11.79 -4.11
N LEU B 85 -10.29 12.63 -4.48
CA LEU B 85 -9.10 12.87 -3.64
C LEU B 85 -9.35 14.11 -2.81
N TRP B 86 -9.32 13.95 -1.49
CA TRP B 86 -9.62 15.07 -0.58
C TRP B 86 -8.68 15.00 0.62
N GLY B 87 -8.77 15.98 1.50
CA GLY B 87 -7.89 16.09 2.68
C GLY B 87 -6.96 17.28 2.57
N LYS B 88 -5.77 17.17 3.13
CA LYS B 88 -4.84 18.32 3.18
C LYS B 88 -3.78 18.18 2.09
N LEU B 89 -3.63 19.23 1.29
CA LEU B 89 -2.58 19.29 0.26
C LEU B 89 -1.58 20.35 0.69
N ASP B 90 -0.42 19.89 1.12
CA ASP B 90 0.65 20.79 1.63
CA ASP B 90 0.65 20.78 1.62
C ASP B 90 1.70 21.08 0.54
N SER B 91 2.01 20.12 -0.32
CA SER B 91 3.15 20.34 -1.26
C SER B 91 2.91 19.66 -2.61
N ILE B 92 3.55 20.21 -3.63
CA ILE B 92 3.61 19.62 -4.97
C ILE B 92 5.05 19.71 -5.43
N ALA B 93 5.63 18.57 -5.78
CA ALA B 93 7.00 18.50 -6.31
C ALA B 93 6.91 18.02 -7.77
N LEU B 94 7.57 18.74 -8.65
CA LEU B 94 7.57 18.41 -10.11
C LEU B 94 8.97 18.11 -10.55
N GLY B 95 9.11 17.08 -11.37
CA GLY B 95 10.45 16.72 -11.86
C GLY B 95 10.41 15.46 -12.69
N ASP B 96 11.57 14.82 -12.75
CA ASP B 96 11.75 13.55 -13.48
C ASP B 96 12.07 12.44 -12.49
N THR B 97 11.59 11.25 -12.82
CA THR B 97 12.11 9.96 -12.28
C THR B 97 11.67 9.76 -10.84
N LEU B 98 10.47 9.25 -10.65
CA LEU B 98 9.99 8.85 -9.33
C LEU B 98 10.84 7.69 -8.81
N THR B 99 11.08 7.72 -7.51
CA THR B 99 11.89 6.71 -6.82
C THR B 99 11.29 6.52 -5.43
N GLY B 100 11.42 5.31 -4.90
CA GLY B 100 11.07 5.02 -3.52
C GLY B 100 9.88 4.11 -3.38
N GLY B 101 9.40 3.99 -2.15
CA GLY B 101 8.30 3.07 -1.81
C GLY B 101 8.03 3.17 -0.32
N ALA B 102 7.01 2.48 0.15
CA ALA B 102 6.50 2.64 1.53
C ALA B 102 7.55 2.19 2.56
N SER B 103 8.46 1.30 2.20
CA SER B 103 9.44 0.81 3.19
C SER B 103 10.84 1.30 2.87
N SER B 104 11.00 2.15 1.87
CA SER B 104 12.36 2.59 1.44
C SER B 104 12.54 4.09 1.66
N GLY B 105 11.66 4.73 2.42
CA GLY B 105 11.78 6.17 2.70
C GLY B 105 10.68 7.01 2.11
N GLY B 106 9.66 6.40 1.50
CA GLY B 106 8.61 7.13 0.80
C GLY B 106 8.96 7.39 -0.65
N TYR B 107 8.27 8.35 -1.24
CA TYR B 107 8.51 8.73 -2.65
C TYR B 107 9.41 9.96 -2.72
N ALA B 108 10.22 10.01 -3.77
CA ALA B 108 11.05 11.17 -4.10
C ALA B 108 11.23 11.20 -5.61
N LEU B 109 11.73 12.33 -6.10
CA LEU B 109 12.07 12.53 -7.52
C LEU B 109 13.59 12.48 -7.64
N ASP B 110 14.09 11.70 -8.58
CA ASP B 110 15.55 11.67 -8.85
C ASP B 110 16.02 13.06 -9.29
N SER B 111 15.21 13.77 -10.07
CA SER B 111 15.52 15.12 -10.59
C SER B 111 14.33 16.01 -10.33
N GLN B 112 14.27 16.57 -9.15
CA GLN B 112 13.20 17.53 -8.81
C GLN B 112 13.54 18.88 -9.43
N GLU B 113 12.62 19.44 -10.18
CA GLU B 113 12.89 20.76 -10.80
C GLU B 113 12.35 21.86 -9.92
N VAL B 114 11.10 21.74 -9.51
CA VAL B 114 10.38 22.78 -8.75
C VAL B 114 9.51 22.11 -7.71
N SER B 115 9.40 22.71 -6.53
CA SER B 115 8.41 22.29 -5.53
C SER B 115 7.70 23.52 -4.99
N PHE B 116 6.45 23.32 -4.61
CA PHE B 116 5.62 24.35 -3.96
C PHE B 116 5.18 23.76 -2.63
N SER B 117 5.54 24.44 -1.54
CA SER B 117 5.33 23.97 -0.17
C SER B 117 4.42 24.95 0.56
N ASN B 118 3.89 24.49 1.70
CA ASN B 118 3.03 25.29 2.61
C ASN B 118 1.78 25.74 1.87
N LEU B 119 1.24 24.89 1.01
CA LEU B 119 0.09 25.28 0.18
C LEU B 119 -1.12 25.52 1.08
N GLY B 120 -1.19 24.88 2.24
CA GLY B 120 -2.30 25.11 3.18
C GLY B 120 -3.66 24.78 2.59
N LEU B 121 -3.74 23.87 1.61
CA LEU B 121 -5.05 23.50 1.02
C LEU B 121 -5.67 22.38 1.85
N ASP B 122 -6.96 22.49 2.10
CA ASP B 122 -7.72 21.49 2.88
C ASP B 122 -9.12 21.41 2.28
N SER B 123 -9.43 20.31 1.60
CA SER B 123 -10.73 20.10 0.94
C SER B 123 -11.46 18.99 1.69
N PRO B 124 -12.68 19.24 2.18
CA PRO B 124 -13.45 18.19 2.84
C PRO B 124 -14.01 17.17 1.86
N ILE B 125 -14.31 15.98 2.36
CA ILE B 125 -14.87 14.90 1.51
C ILE B 125 -16.14 15.41 0.80
N ALA B 126 -16.93 16.22 1.47
CA ALA B 126 -18.29 16.55 0.98
C ALA B 126 -18.21 17.37 -0.30
N GLN B 127 -17.11 18.07 -0.52
CA GLN B 127 -16.93 18.85 -1.76
C GLN B 127 -16.81 17.93 -2.98
N GLY B 128 -16.58 16.63 -2.78
CA GLY B 128 -16.44 15.70 -3.91
C GLY B 128 -15.32 16.13 -4.86
N ARG B 129 -15.56 15.90 -6.15
CA ARG B 129 -14.57 16.25 -7.20
C ARG B 129 -14.57 17.75 -7.47
N ASP B 130 -15.44 18.52 -6.83
CA ASP B 130 -15.33 19.99 -6.87
C ASP B 130 -14.37 20.55 -5.83
N GLY B 131 -13.78 19.70 -5.00
CA GLY B 131 -12.81 20.18 -4.01
C GLY B 131 -11.57 20.73 -4.66
N THR B 132 -11.02 21.77 -4.07
CA THR B 132 -9.79 22.39 -4.60
C THR B 132 -8.70 21.33 -4.71
N VAL B 133 -8.48 20.58 -3.65
CA VAL B 133 -7.41 19.56 -3.64
C VAL B 133 -7.62 18.60 -4.82
N HIS B 134 -8.82 18.05 -4.98
CA HIS B 134 -9.10 17.11 -6.09
C HIS B 134 -8.71 17.76 -7.42
N LYS B 135 -9.15 19.00 -7.65
CA LYS B 135 -9.00 19.62 -8.98
C LYS B 135 -7.51 19.92 -9.23
N VAL B 136 -6.79 20.35 -8.20
CA VAL B 136 -5.34 20.65 -8.34
C VAL B 136 -4.64 19.37 -8.81
N VAL B 137 -4.83 18.28 -8.09
CA VAL B 137 -4.04 17.05 -8.36
C VAL B 137 -4.59 16.35 -9.61
N TYR B 138 -5.91 16.33 -9.80
CA TYR B 138 -6.43 15.64 -11.00
C TYR B 138 -6.02 16.39 -12.26
N GLY B 139 -5.96 17.72 -12.19
CA GLY B 139 -5.40 18.51 -13.29
C GLY B 139 -4.00 18.06 -13.67
N LEU B 140 -3.13 17.89 -12.70
CA LEU B 140 -1.76 17.41 -13.00
C LEU B 140 -1.83 16.02 -13.62
N MET B 141 -2.73 15.17 -13.13
CA MET B 141 -2.86 13.78 -13.63
C MET B 141 -3.21 13.81 -15.12
N SER B 142 -4.00 14.78 -15.55
CA SER B 142 -4.64 14.79 -16.88
C SER B 142 -4.07 15.89 -17.77
N GLY B 143 -3.00 16.55 -17.37
CA GLY B 143 -2.25 17.48 -18.24
C GLY B 143 -2.86 18.87 -18.28
N ASP B 144 -3.42 19.32 -17.17
CA ASP B 144 -4.00 20.67 -17.09
C ASP B 144 -3.61 21.25 -15.72
N SER B 145 -2.61 22.12 -15.69
CA SER B 145 -2.13 22.72 -14.42
C SER B 145 -2.93 23.96 -14.04
N SER B 146 -4.04 24.27 -14.71
CA SER B 146 -4.79 25.53 -14.46
CA SER B 146 -4.75 25.55 -14.45
C SER B 146 -5.15 25.65 -12.98
N ALA B 147 -5.64 24.57 -12.38
CA ALA B 147 -6.12 24.63 -10.98
C ALA B 147 -4.95 24.97 -10.04
N LEU B 148 -3.86 24.24 -10.18
CA LEU B 148 -2.63 24.52 -9.40
C LEU B 148 -2.16 25.97 -9.66
N GLN B 149 -2.09 26.38 -10.91
CA GLN B 149 -1.72 27.77 -11.24
C GLN B 149 -2.59 28.73 -10.43
N GLY B 150 -3.89 28.48 -10.42
CA GLY B 150 -4.83 29.41 -9.77
C GLY B 150 -4.58 29.47 -8.27
N GLN B 151 -4.26 28.35 -7.65
CA GLN B 151 -4.03 28.34 -6.20
C GLN B 151 -2.69 28.99 -5.88
N ILE B 152 -1.67 28.73 -6.69
CA ILE B 152 -0.36 29.39 -6.46
C ILE B 152 -0.50 30.91 -6.62
N ASP B 153 -1.23 31.34 -7.66
CA ASP B 153 -1.50 32.78 -7.87
C ASP B 153 -2.07 33.39 -6.59
N ALA B 154 -3.09 32.76 -6.03
CA ALA B 154 -3.78 33.29 -4.84
C ALA B 154 -2.85 33.32 -3.63
N LEU B 155 -2.01 32.31 -3.48
CA LEU B 155 -1.07 32.25 -2.32
C LEU B 155 0.02 33.32 -2.49
N LEU B 156 0.53 33.52 -3.70
CA LEU B 156 1.56 34.56 -3.93
C LEU B 156 0.99 35.94 -3.66
N LYS B 157 -0.25 36.20 -4.11
CA LYS B 157 -0.89 37.51 -3.88
C LYS B 157 -1.18 37.70 -2.39
N ALA B 158 -1.40 36.63 -1.64
CA ALA B 158 -1.63 36.77 -0.18
C ALA B 158 -0.34 37.27 0.48
N VAL B 159 0.83 36.86 -0.03
CA VAL B 159 2.11 37.38 0.53
C VAL B 159 2.26 38.85 0.16
N ASP B 160 2.12 39.17 -1.12
CA ASP B 160 2.17 40.56 -1.63
C ASP B 160 1.41 40.61 -2.95
N PRO B 161 0.48 41.58 -3.11
CA PRO B 161 -0.27 41.72 -4.36
C PRO B 161 0.59 41.99 -5.61
N SER B 162 1.83 42.43 -5.44
CA SER B 162 2.72 42.61 -6.61
C SER B 162 3.22 41.25 -7.11
N LEU B 163 3.09 40.19 -6.31
CA LEU B 163 3.54 38.85 -6.77
C LEU B 163 2.37 38.11 -7.41
N SER B 164 2.70 37.18 -8.27
CA SER B 164 1.68 36.43 -9.04
C SER B 164 2.36 35.30 -9.80
N ILE B 165 1.56 34.51 -10.47
CA ILE B 165 2.02 33.38 -11.31
CA ILE B 165 2.11 33.38 -11.25
C ILE B 165 2.85 33.91 -12.48
N ASN B 166 2.72 35.20 -12.77
CA ASN B 166 3.50 35.77 -13.87
C ASN B 166 4.82 36.32 -13.36
N SER B 167 5.11 36.20 -12.07
CA SER B 167 6.45 36.53 -11.56
C SER B 167 7.45 35.46 -12.04
N THR B 168 8.70 35.83 -12.15
CA THR B 168 9.72 34.80 -12.41
C THR B 168 10.13 34.19 -11.07
N PHE B 169 10.74 33.00 -11.13
CA PHE B 169 11.29 32.35 -9.94
C PHE B 169 12.32 33.27 -9.27
N ASP B 170 13.21 33.88 -10.06
CA ASP B 170 14.22 34.82 -9.52
C ASP B 170 13.54 36.00 -8.81
N GLN B 171 12.42 36.48 -9.35
CA GLN B 171 11.69 37.61 -8.72
C GLN B 171 11.07 37.14 -7.40
N LEU B 172 10.41 35.98 -7.42
CA LEU B 172 9.89 35.36 -6.19
C LEU B 172 11.00 35.14 -5.16
N ALA B 173 12.21 34.78 -5.59
CA ALA B 173 13.31 34.58 -4.63
C ALA B 173 13.72 35.94 -4.06
N ALA B 174 13.67 36.99 -4.87
CA ALA B 174 13.94 38.35 -4.37
C ALA B 174 12.90 38.73 -3.30
N ALA B 175 11.69 38.20 -3.41
CA ALA B 175 10.59 38.52 -2.48
C ALA B 175 10.68 37.67 -1.21
N GLY B 176 11.62 36.73 -1.12
CA GLY B 176 11.78 35.82 0.03
C GLY B 176 10.86 34.63 -0.03
N VAL B 177 10.20 34.40 -1.15
CA VAL B 177 9.19 33.31 -1.29
C VAL B 177 9.85 32.10 -1.91
N ALA B 178 10.81 32.32 -2.80
CA ALA B 178 11.43 31.25 -3.59
C ALA B 178 12.89 31.09 -3.21
N HIS B 179 13.42 29.90 -3.49
CA HIS B 179 14.82 29.57 -3.16
C HIS B 179 15.38 28.77 -4.33
N ALA B 180 16.49 29.21 -4.89
CA ALA B 180 17.10 28.53 -6.05
C ALA B 180 17.98 27.36 -5.56
N THR B 181 18.00 26.29 -6.33
CA THR B 181 18.88 25.12 -6.09
C THR B 181 19.74 24.90 -7.31
N PRO B 182 20.99 24.41 -7.14
CA PRO B 182 21.86 24.16 -8.27
C PRO B 182 21.23 23.14 -9.24
N ALA B 183 21.51 23.32 -10.53
CA ALA B 183 20.91 22.52 -11.62
C ALA B 183 21.22 21.04 -11.45
N ALA B 184 20.26 20.21 -11.81
CA ALA B 184 20.37 18.74 -11.82
C ALA B 184 19.42 18.17 -12.87
N SER C 2 12.32 -28.78 1.88
CA SER C 2 10.92 -29.23 2.14
C SER C 2 10.32 -28.50 3.36
N ILE C 3 9.03 -28.72 3.60
CA ILE C 3 8.27 -27.98 4.65
C ILE C 3 9.01 -28.04 5.98
N SER C 4 9.11 -26.90 6.63
CA SER C 4 9.69 -26.78 7.97
C SER C 4 8.64 -26.14 8.86
N ILE C 5 8.42 -26.71 10.03
CA ILE C 5 7.38 -26.23 10.98
C ILE C 5 8.06 -25.87 12.29
N SER C 6 7.76 -24.69 12.79
CA SER C 6 8.19 -24.26 14.13
C SER C 6 6.96 -24.24 15.03
N TYR C 7 7.06 -24.78 16.24
CA TYR C 7 5.92 -24.83 17.17
C TYR C 7 6.38 -24.64 18.61
N SER C 8 5.64 -23.84 19.35
CA SER C 8 5.72 -23.74 20.82
C SER C 8 5.54 -25.13 21.44
N THR C 9 6.31 -25.42 22.47
CA THR C 9 6.24 -26.69 23.24
CA THR C 9 6.22 -26.73 23.14
C THR C 9 4.84 -26.94 23.76
N THR C 10 4.10 -25.88 24.04
CA THR C 10 2.71 -26.05 24.55
C THR C 10 1.90 -26.94 23.60
N TYR C 11 2.25 -27.03 22.33
CA TYR C 11 1.42 -27.73 21.33
C TYR C 11 2.03 -29.04 20.88
N SER C 12 3.13 -29.46 21.50
N SER C 12 3.09 -29.48 21.52
CA SER C 12 3.82 -30.73 21.18
CA SER C 12 3.81 -30.72 21.13
C SER C 12 2.82 -31.87 20.93
C SER C 12 2.84 -31.89 20.93
N GLY C 13 1.84 -32.01 21.80
CA GLY C 13 0.89 -33.15 21.75
C GLY C 13 -0.30 -32.95 20.83
N TRP C 14 -0.46 -31.78 20.21
CA TRP C 14 -1.60 -31.52 19.29
C TRP C 14 -1.28 -32.05 17.90
N THR C 15 -2.33 -32.50 17.22
CA THR C 15 -2.24 -32.72 15.75
C THR C 15 -2.30 -31.36 15.08
N VAL C 16 -1.70 -31.28 13.91
CA VAL C 16 -1.72 -30.00 13.15
C VAL C 16 -3.16 -29.68 12.79
N ALA C 17 -3.91 -30.70 12.38
CA ALA C 17 -5.34 -30.52 12.03
C ALA C 17 -6.08 -29.89 13.21
N ASP C 18 -5.95 -30.45 14.40
CA ASP C 18 -6.68 -29.95 15.58
C ASP C 18 -6.22 -28.53 15.88
N TYR C 19 -4.93 -28.29 15.78
CA TYR C 19 -4.38 -26.96 16.05
C TYR C 19 -5.03 -25.93 15.10
N LEU C 20 -5.03 -26.22 13.80
CA LEU C 20 -5.53 -25.23 12.82
C LEU C 20 -7.06 -25.06 12.94
N ALA C 21 -7.80 -26.12 13.23
CA ALA C 21 -9.25 -26.01 13.39
C ALA C 21 -9.56 -25.07 14.55
N ASP C 22 -8.87 -25.26 15.66
CA ASP C 22 -9.03 -24.42 16.84
C ASP C 22 -8.52 -23.01 16.55
N TRP C 23 -7.39 -22.88 15.86
CA TRP C 23 -6.80 -21.54 15.61
C TRP C 23 -7.77 -20.74 14.73
N SER C 24 -8.37 -21.40 13.75
CA SER C 24 -9.34 -20.73 12.85
C SER C 24 -10.55 -20.22 13.65
N ALA C 25 -11.06 -21.00 14.61
CA ALA C 25 -12.21 -20.59 15.44
C ALA C 25 -11.77 -19.43 16.32
N TYR C 26 -10.53 -19.48 16.82
CA TYR C 26 -10.01 -18.45 17.73
C TYR C 26 -9.84 -17.13 16.97
N PHE C 27 -9.31 -17.18 15.76
CA PHE C 27 -9.14 -15.95 14.96
C PHE C 27 -10.52 -15.45 14.50
N GLY C 28 -11.34 -16.37 14.01
CA GLY C 28 -12.70 -16.08 13.53
C GLY C 28 -12.71 -15.65 12.09
N ASP C 29 -13.69 -14.82 11.75
CA ASP C 29 -13.94 -14.35 10.37
C ASP C 29 -14.02 -12.84 10.41
N VAL C 30 -13.10 -12.15 9.75
CA VAL C 30 -13.10 -10.67 9.81
C VAL C 30 -14.15 -10.06 8.88
N ASN C 31 -14.90 -10.87 8.13
CA ASN C 31 -15.98 -10.41 7.24
C ASN C 31 -15.45 -9.46 6.16
N HIS C 32 -14.33 -9.83 5.55
CA HIS C 32 -13.77 -9.11 4.41
C HIS C 32 -14.55 -9.54 3.18
N ARG C 33 -15.73 -8.97 3.06
CA ARG C 33 -16.66 -9.26 1.97
C ARG C 33 -17.12 -7.93 1.40
N PRO C 34 -17.47 -7.83 0.10
CA PRO C 34 -17.94 -6.59 -0.50
C PRO C 34 -19.14 -6.02 0.27
N GLY C 35 -19.11 -4.71 0.50
CA GLY C 35 -20.09 -4.01 1.36
C GLY C 35 -19.72 -4.06 2.82
N GLN C 36 -18.71 -4.85 3.20
CA GLN C 36 -18.37 -5.04 4.63
C GLN C 36 -16.89 -4.75 4.90
N VAL C 37 -16.11 -4.38 3.88
CA VAL C 37 -14.68 -4.04 4.08
C VAL C 37 -14.58 -2.66 4.69
N VAL C 38 -13.87 -2.57 5.81
CA VAL C 38 -13.62 -1.31 6.51
C VAL C 38 -12.11 -1.10 6.54
N ASP C 39 -11.65 -0.05 5.88
CA ASP C 39 -10.21 0.27 5.78
C ASP C 39 -9.62 0.37 7.18
N GLY C 40 -8.53 -0.37 7.40
CA GLY C 40 -7.82 -0.36 8.69
C GLY C 40 -8.49 -1.18 9.76
N SER C 41 -9.65 -1.78 9.49
CA SER C 41 -10.32 -2.66 10.48
C SER C 41 -10.23 -4.14 10.07
N ASN C 42 -10.60 -4.48 8.84
CA ASN C 42 -10.57 -5.89 8.36
C ASN C 42 -9.93 -5.96 6.99
N THR C 43 -9.07 -5.02 6.64
CA THR C 43 -8.36 -5.06 5.35
C THR C 43 -7.05 -5.83 5.46
N GLY C 44 -6.38 -5.80 6.61
CA GLY C 44 -4.99 -6.25 6.71
C GLY C 44 -4.04 -5.25 6.07
N GLY C 45 -2.78 -5.64 5.98
CA GLY C 45 -1.74 -4.75 5.43
C GLY C 45 -0.65 -5.51 4.73
N PHE C 46 -0.13 -4.95 3.63
CA PHE C 46 1.03 -5.51 2.92
C PHE C 46 2.32 -4.81 3.36
N ASN C 47 3.42 -5.55 3.34
CA ASN C 47 4.77 -4.96 3.52
C ASN C 47 5.64 -5.33 2.33
N PRO C 48 6.14 -4.36 1.53
CA PRO C 48 5.98 -2.91 1.74
C PRO C 48 4.58 -2.32 1.48
N GLY C 49 3.74 -2.96 0.67
CA GLY C 49 2.45 -2.36 0.29
C GLY C 49 2.65 -1.35 -0.84
N PRO C 50 1.58 -0.64 -1.25
CA PRO C 50 0.23 -0.80 -0.67
C PRO C 50 -0.58 -1.96 -1.26
N PHE C 51 -0.14 -2.52 -2.37
CA PHE C 51 -0.90 -3.61 -3.01
C PHE C 51 -0.05 -4.85 -3.25
N ASP C 52 1.21 -4.82 -2.90
CA ASP C 52 2.08 -6.00 -3.10
C ASP C 52 3.00 -6.07 -1.91
N GLY C 53 3.55 -7.25 -1.63
CA GLY C 53 4.56 -7.31 -0.57
C GLY C 53 5.21 -8.66 -0.40
N SER C 54 6.27 -8.65 0.39
CA SER C 54 6.87 -9.89 0.90
C SER C 54 6.07 -10.40 2.10
N GLN C 55 5.17 -9.60 2.64
CA GLN C 55 4.30 -10.05 3.75
C GLN C 55 2.91 -9.47 3.54
N TYR C 56 1.90 -10.25 3.90
CA TYR C 56 0.54 -9.77 4.14
C TYR C 56 0.15 -10.25 5.52
N ALA C 57 -0.44 -9.37 6.32
CA ALA C 57 -0.72 -9.64 7.75
C ALA C 57 -2.12 -9.14 8.10
N LEU C 58 -2.81 -9.86 8.98
CA LEU C 58 -4.15 -9.42 9.43
C LEU C 58 -4.34 -9.70 10.91
N LYS C 59 -4.82 -8.73 11.66
CA LYS C 59 -5.27 -8.94 13.04
C LYS C 59 -6.67 -9.55 13.02
N SER C 60 -7.00 -10.30 14.06
CA SER C 60 -8.40 -10.70 14.32
C SER C 60 -9.21 -9.46 14.73
N THR C 61 -10.47 -9.42 14.37
CA THR C 61 -11.41 -8.40 14.90
C THR C 61 -12.21 -9.00 16.05
N ALA C 62 -11.94 -10.25 16.42
CA ALA C 62 -12.57 -10.91 17.59
C ALA C 62 -11.57 -11.11 18.75
N SER C 63 -10.37 -11.55 18.44
CA SER C 63 -9.37 -11.92 19.47
C SER C 63 -8.02 -11.24 19.18
N ASP C 64 -6.98 -11.60 19.95
CA ASP C 64 -5.61 -11.09 19.68
C ASP C 64 -4.91 -11.93 18.61
N ALA C 65 -5.56 -12.98 18.08
CA ALA C 65 -4.95 -13.81 17.02
C ALA C 65 -4.53 -12.91 15.86
N ALA C 66 -3.43 -13.27 15.23
CA ALA C 66 -2.99 -12.58 13.99
C ALA C 66 -2.20 -13.59 13.19
N PHE C 67 -2.19 -13.40 11.89
CA PHE C 67 -1.33 -14.24 11.04
C PHE C 67 -0.51 -13.34 10.13
N ILE C 68 0.59 -13.92 9.65
CA ILE C 68 1.45 -13.28 8.61
C ILE C 68 1.69 -14.30 7.51
N ALA C 69 1.37 -13.92 6.27
CA ALA C 69 1.76 -14.68 5.06
C ALA C 69 3.02 -14.06 4.50
N GLY C 70 4.01 -14.90 4.21
CA GLY C 70 5.32 -14.46 3.73
C GLY C 70 5.61 -15.04 2.37
N GLY C 71 6.22 -14.23 1.51
CA GLY C 71 6.54 -14.69 0.16
C GLY C 71 6.71 -13.54 -0.79
N ASP C 72 5.98 -13.56 -1.91
CA ASP C 72 6.05 -12.51 -2.94
C ASP C 72 4.62 -12.36 -3.46
N LEU C 73 3.85 -11.52 -2.78
CA LEU C 73 2.39 -11.55 -2.84
C LEU C 73 1.90 -10.30 -3.54
N HIS C 74 0.76 -10.46 -4.26
CA HIS C 74 0.13 -9.40 -5.06
C HIS C 74 -1.38 -9.42 -4.85
N TYR C 75 -1.99 -8.26 -4.71
CA TYR C 75 -3.47 -8.14 -4.70
C TYR C 75 -3.92 -7.36 -5.92
N THR C 76 -4.91 -7.88 -6.66
CA THR C 76 -5.33 -7.27 -7.94
C THR C 76 -6.27 -6.07 -7.72
N LEU C 77 -6.89 -5.94 -6.56
CA LEU C 77 -7.99 -4.97 -6.32
C LEU C 77 -8.98 -5.06 -7.51
N PHE C 78 -8.98 -4.16 -8.46
N PHE C 78 -8.99 -4.15 -8.47
CA PHE C 78 -10.05 -4.16 -9.49
CA PHE C 78 -10.05 -4.19 -9.50
C PHE C 78 -9.54 -4.81 -10.77
C PHE C 78 -9.53 -4.81 -10.78
N SER C 79 -8.22 -5.03 -10.86
CA SER C 79 -7.63 -5.63 -12.06
C SER C 79 -8.17 -7.06 -12.19
N ASN C 80 -8.52 -7.45 -13.41
CA ASN C 80 -9.03 -8.81 -13.68
C ASN C 80 -7.92 -9.83 -13.45
N PRO C 81 -8.15 -10.92 -12.69
CA PRO C 81 -9.39 -11.18 -11.95
C PRO C 81 -9.43 -10.39 -10.63
N SER C 82 -10.53 -9.71 -10.40
CA SER C 82 -10.66 -8.75 -9.28
C SER C 82 -10.50 -9.47 -7.93
N HIS C 83 -9.94 -8.75 -6.97
CA HIS C 83 -9.84 -9.14 -5.54
C HIS C 83 -9.23 -10.52 -5.40
N THR C 84 -8.10 -10.68 -6.07
CA THR C 84 -7.33 -11.92 -6.07
C THR C 84 -6.00 -11.63 -5.40
N LEU C 85 -5.67 -12.42 -4.37
CA LEU C 85 -4.30 -12.51 -3.83
C LEU C 85 -3.57 -13.65 -4.55
N TRP C 86 -2.44 -13.35 -5.16
CA TRP C 86 -1.65 -14.34 -5.92
C TRP C 86 -0.17 -14.11 -5.69
N GLY C 87 0.66 -14.95 -6.30
CA GLY C 87 2.12 -14.89 -6.13
C GLY C 87 2.66 -16.08 -5.37
N LYS C 88 3.86 -15.90 -4.81
CA LYS C 88 4.50 -16.97 -4.03
C LYS C 88 4.10 -16.88 -2.55
N LEU C 89 3.65 -17.99 -2.00
CA LEU C 89 3.42 -18.13 -0.54
C LEU C 89 4.46 -19.12 0.00
N ASP C 90 5.45 -18.59 0.71
CA ASP C 90 6.53 -19.40 1.31
C ASP C 90 6.21 -19.74 2.76
N SER C 91 5.56 -18.85 3.49
CA SER C 91 5.42 -19.07 4.95
C SER C 91 4.04 -18.60 5.43
N ILE C 92 3.60 -19.22 6.51
CA ILE C 92 2.42 -18.79 7.30
C ILE C 92 2.79 -18.86 8.77
N ALA C 93 2.67 -17.73 9.45
CA ALA C 93 2.99 -17.63 10.88
C ALA C 93 1.72 -17.29 11.64
N LEU C 94 1.46 -18.07 12.69
CA LEU C 94 0.24 -17.97 13.51
C LEU C 94 0.64 -17.71 14.96
N GLY C 95 0.00 -16.73 15.58
CA GLY C 95 0.22 -16.46 17.00
C GLY C 95 -0.69 -15.35 17.48
N ASP C 96 -0.20 -14.59 18.43
CA ASP C 96 -0.96 -13.45 18.95
C ASP C 96 -0.15 -12.17 18.86
N THR C 97 -0.86 -11.06 18.69
CA THR C 97 -0.36 -9.67 18.85
C THR C 97 0.56 -9.29 17.69
N LEU C 98 -0.04 -8.94 16.57
CA LEU C 98 0.68 -8.39 15.41
C LEU C 98 1.43 -7.11 15.82
N THR C 99 2.65 -6.98 15.33
N THR C 99 2.66 -6.97 15.33
CA THR C 99 3.44 -5.75 15.52
CA THR C 99 3.46 -5.74 15.54
C THR C 99 4.14 -5.41 14.20
C THR C 99 4.19 -5.42 14.24
N GLY C 100 4.42 -4.12 14.03
CA GLY C 100 5.22 -3.66 12.90
C GLY C 100 4.39 -3.17 11.74
N GLY C 101 5.00 -3.26 10.56
CA GLY C 101 4.43 -2.67 9.35
C GLY C 101 5.51 -2.28 8.39
N ALA C 102 5.10 -1.66 7.30
CA ALA C 102 6.03 -1.40 6.17
C ALA C 102 7.16 -0.45 6.62
N SER C 103 6.92 0.39 7.61
CA SER C 103 7.94 1.38 8.05
C SER C 103 8.38 1.12 9.50
N SER C 104 8.43 -0.15 9.90
CA SER C 104 8.91 -0.54 11.25
CA SER C 104 8.89 -0.56 11.25
C SER C 104 9.99 -1.63 11.18
N GLY C 105 10.31 -2.13 10.00
CA GLY C 105 11.18 -3.32 9.88
C GLY C 105 10.37 -4.57 9.57
N GLY C 106 9.13 -4.42 9.12
CA GLY C 106 8.27 -5.55 8.74
C GLY C 106 7.20 -5.82 9.78
N TYR C 107 6.41 -6.84 9.51
CA TYR C 107 5.43 -7.36 10.48
C TYR C 107 6.08 -8.49 11.27
N ALA C 108 5.71 -8.58 12.55
CA ALA C 108 6.04 -9.73 13.41
C ALA C 108 4.89 -9.99 14.38
N LEU C 109 4.96 -11.15 15.04
CA LEU C 109 4.06 -11.49 16.13
C LEU C 109 4.78 -11.36 17.48
N ASP C 110 4.14 -10.70 18.42
CA ASP C 110 4.64 -10.64 19.80
C ASP C 110 4.71 -12.05 20.39
N SER C 111 3.76 -12.91 20.04
CA SER C 111 3.69 -14.25 20.63
C SER C 111 3.35 -15.22 19.52
N GLN C 112 4.39 -15.71 18.84
CA GLN C 112 4.22 -16.60 17.67
C GLN C 112 4.00 -18.02 18.17
N GLU C 113 2.88 -18.62 17.77
CA GLU C 113 2.52 -19.98 18.27
C GLU C 113 3.14 -21.03 17.35
N VAL C 114 2.85 -20.96 16.05
CA VAL C 114 3.29 -21.99 15.09
C VAL C 114 3.58 -21.30 13.77
N SER C 115 4.57 -21.78 13.04
CA SER C 115 4.81 -21.27 11.68
C SER C 115 5.05 -22.43 10.72
N PHE C 116 4.59 -22.29 9.50
CA PHE C 116 4.86 -23.24 8.41
C PHE C 116 5.67 -22.52 7.34
N SER C 117 6.83 -23.07 7.00
CA SER C 117 7.81 -22.46 6.07
C SER C 117 8.08 -23.40 4.91
N ASN C 118 8.72 -22.87 3.86
CA ASN C 118 9.04 -23.60 2.61
C ASN C 118 7.77 -24.21 2.02
N LEU C 119 6.66 -23.50 2.12
CA LEU C 119 5.39 -24.02 1.58
C LEU C 119 5.49 -24.21 0.06
N GLY C 120 6.34 -23.45 -0.62
CA GLY C 120 6.62 -23.69 -2.05
C GLY C 120 5.42 -23.43 -2.95
N LEU C 121 4.43 -22.68 -2.48
CA LEU C 121 3.23 -22.41 -3.30
C LEU C 121 3.45 -21.23 -4.23
N ASP C 122 2.85 -21.29 -5.40
CA ASP C 122 2.99 -20.25 -6.44
C ASP C 122 1.73 -20.30 -7.27
N SER C 123 0.86 -19.33 -7.10
CA SER C 123 -0.39 -19.22 -7.88
C SER C 123 -0.23 -18.07 -8.85
N PRO C 124 -0.44 -18.29 -10.15
CA PRO C 124 -0.46 -17.18 -11.10
C PRO C 124 -1.79 -16.44 -11.10
N ILE C 125 -1.75 -15.20 -11.59
CA ILE C 125 -2.90 -14.26 -11.59
C ILE C 125 -4.11 -14.91 -12.29
N ALA C 126 -3.87 -15.70 -13.33
CA ALA C 126 -4.96 -16.17 -14.18
C ALA C 126 -5.87 -17.13 -13.42
N GLN C 127 -5.42 -17.68 -12.31
CA GLN C 127 -6.27 -18.62 -11.53
CA GLN C 127 -6.25 -18.62 -11.51
C GLN C 127 -7.29 -17.86 -10.68
N GLY C 128 -7.14 -16.55 -10.54
CA GLY C 128 -8.06 -15.73 -9.75
C GLY C 128 -8.21 -16.24 -8.33
N ARG C 129 -9.41 -16.11 -7.78
CA ARG C 129 -9.68 -16.58 -6.40
C ARG C 129 -9.73 -18.11 -6.31
N ASP C 130 -9.49 -18.82 -7.42
CA ASP C 130 -9.39 -20.30 -7.40
C ASP C 130 -7.95 -20.70 -7.17
N GLY C 131 -7.02 -19.75 -7.10
CA GLY C 131 -5.63 -20.11 -6.82
C GLY C 131 -5.44 -20.64 -5.41
N THR C 132 -4.59 -21.63 -5.27
CA THR C 132 -4.23 -22.20 -3.95
C THR C 132 -3.80 -21.10 -2.99
N VAL C 133 -2.96 -20.17 -3.43
CA VAL C 133 -2.48 -19.11 -2.52
C VAL C 133 -3.68 -18.29 -2.03
N HIS C 134 -4.57 -17.90 -2.93
CA HIS C 134 -5.75 -17.09 -2.53
C HIS C 134 -6.60 -17.88 -1.53
N LYS C 135 -6.87 -19.14 -1.84
CA LYS C 135 -7.73 -20.00 -0.99
C LYS C 135 -7.09 -20.18 0.39
N VAL C 136 -5.79 -20.42 0.44
CA VAL C 136 -5.09 -20.67 1.73
C VAL C 136 -5.26 -19.45 2.62
N VAL C 137 -4.96 -18.27 2.09
CA VAL C 137 -4.87 -17.06 2.93
C VAL C 137 -6.29 -16.54 3.19
N TYR C 138 -7.19 -16.60 2.22
CA TYR C 138 -8.55 -16.12 2.48
C TYR C 138 -9.24 -17.01 3.52
N GLY C 139 -8.89 -18.29 3.55
CA GLY C 139 -9.39 -19.18 4.61
C GLY C 139 -8.98 -18.73 6.00
N LEU C 140 -7.73 -18.32 6.15
CA LEU C 140 -7.27 -17.77 7.45
C LEU C 140 -8.03 -16.49 7.76
N MET C 141 -8.32 -15.71 6.72
CA MET C 141 -9.08 -14.46 6.89
C MET C 141 -10.50 -14.77 7.38
N SER C 142 -11.08 -15.88 6.93
CA SER C 142 -12.55 -16.04 6.91
C SER C 142 -13.02 -17.15 7.86
N GLY C 143 -12.11 -17.75 8.63
CA GLY C 143 -12.54 -18.74 9.63
C GLY C 143 -12.55 -20.15 9.11
N ASP C 144 -11.75 -20.46 8.10
CA ASP C 144 -11.76 -21.80 7.48
C ASP C 144 -10.35 -22.13 7.03
N SER C 145 -9.63 -22.90 7.85
CA SER C 145 -8.24 -23.27 7.55
C SER C 145 -8.16 -24.52 6.68
N SER C 146 -9.26 -24.99 6.09
CA SER C 146 -9.24 -26.27 5.34
CA SER C 146 -9.27 -26.26 5.30
C SER C 146 -8.23 -26.19 4.19
N ALA C 147 -8.14 -25.06 3.52
CA ALA C 147 -7.24 -24.96 2.36
C ALA C 147 -5.79 -25.05 2.85
N LEU C 148 -5.46 -24.35 3.92
CA LEU C 148 -4.11 -24.44 4.50
C LEU C 148 -3.84 -25.86 4.94
N GLN C 149 -4.82 -26.49 5.58
CA GLN C 149 -4.66 -27.86 6.10
C GLN C 149 -4.30 -28.81 4.96
N GLY C 150 -5.01 -28.73 3.84
CA GLY C 150 -4.77 -29.66 2.73
C GLY C 150 -3.41 -29.45 2.10
N GLN C 151 -2.92 -28.21 2.07
CA GLN C 151 -1.60 -27.96 1.47
C GLN C 151 -0.50 -28.48 2.40
N ILE C 152 -0.67 -28.31 3.70
CA ILE C 152 0.33 -28.86 4.66
CA ILE C 152 0.30 -28.87 4.70
C ILE C 152 0.29 -30.39 4.56
N ASP C 153 -0.90 -30.96 4.47
CA ASP C 153 -1.05 -32.42 4.37
C ASP C 153 -0.23 -32.93 3.19
N ALA C 154 -0.38 -32.30 2.03
CA ALA C 154 0.33 -32.74 0.81
C ALA C 154 1.85 -32.54 0.96
N LEU C 155 2.28 -31.44 1.56
CA LEU C 155 3.72 -31.21 1.77
C LEU C 155 4.29 -32.24 2.75
N LEU C 156 3.53 -32.63 3.77
CA LEU C 156 4.01 -33.65 4.72
C LEU C 156 4.13 -35.01 4.01
N LYS C 157 3.13 -35.36 3.21
CA LYS C 157 3.14 -36.66 2.53
C LYS C 157 4.24 -36.72 1.48
N ALA C 158 4.69 -35.59 0.96
CA ALA C 158 5.83 -35.59 0.00
C ALA C 158 7.12 -35.96 0.73
N VAL C 159 7.22 -35.65 2.01
CA VAL C 159 8.42 -36.03 2.80
C VAL C 159 8.34 -37.52 3.17
N ASP C 160 7.16 -37.98 3.57
CA ASP C 160 6.96 -39.35 4.04
C ASP C 160 5.47 -39.59 4.01
N PRO C 161 4.98 -40.55 3.20
CA PRO C 161 3.53 -40.69 3.03
C PRO C 161 2.83 -41.24 4.27
N SER C 162 3.58 -41.64 5.29
CA SER C 162 2.96 -42.12 6.54
C SER C 162 2.57 -40.93 7.41
N LEU C 163 3.15 -39.77 7.14
CA LEU C 163 2.83 -38.52 7.86
C LEU C 163 1.55 -37.93 7.30
N SER C 164 0.91 -37.11 8.10
CA SER C 164 -0.31 -36.41 7.67
C SER C 164 -0.51 -35.21 8.56
N ILE C 165 -1.54 -34.45 8.27
CA ILE C 165 -1.92 -33.33 9.15
C ILE C 165 -2.52 -33.84 10.46
N ASN C 166 -2.81 -35.13 10.55
CA ASN C 166 -3.25 -35.75 11.82
C ASN C 166 -2.07 -36.18 12.66
N SER C 167 -0.85 -36.01 12.18
CA SER C 167 0.37 -36.23 13.00
C SER C 167 0.44 -35.16 14.09
N THR C 168 1.03 -35.48 15.22
CA THR C 168 1.30 -34.45 16.24
C THR C 168 2.57 -33.68 15.86
N PHE C 169 2.71 -32.51 16.42
CA PHE C 169 3.94 -31.70 16.20
C PHE C 169 5.17 -32.49 16.67
N ASP C 170 5.08 -33.22 17.78
CA ASP C 170 6.25 -34.07 18.20
C ASP C 170 6.55 -35.14 17.15
N GLN C 171 5.52 -35.80 16.64
CA GLN C 171 5.72 -36.85 15.61
C GLN C 171 6.43 -36.24 14.40
N LEU C 172 6.02 -35.04 13.99
CA LEU C 172 6.66 -34.38 12.84
C LEU C 172 8.07 -33.92 13.23
N ALA C 173 8.26 -33.58 14.50
CA ALA C 173 9.61 -33.23 15.00
C ALA C 173 10.50 -34.48 14.97
N ALA C 174 9.95 -35.64 15.29
CA ALA C 174 10.72 -36.90 15.20
C ALA C 174 11.06 -37.20 13.74
N ALA C 175 10.20 -36.82 12.80
CA ALA C 175 10.43 -37.10 11.37
C ALA C 175 11.36 -36.06 10.74
N GLY C 176 11.80 -35.06 11.50
CA GLY C 176 12.81 -34.08 11.05
C GLY C 176 12.18 -32.88 10.38
N VAL C 177 10.88 -32.71 10.53
CA VAL C 177 10.11 -31.69 9.78
C VAL C 177 9.79 -30.52 10.69
N ALA C 178 9.67 -30.74 11.99
CA ALA C 178 9.23 -29.70 12.94
C ALA C 178 10.29 -29.50 14.03
N HIS C 179 10.23 -28.33 14.66
CA HIS C 179 11.22 -27.89 15.65
C HIS C 179 10.49 -27.15 16.74
N ALA C 180 10.62 -27.61 17.99
CA ALA C 180 9.95 -26.99 19.14
C ALA C 180 10.61 -25.65 19.48
N THR C 181 9.83 -24.72 19.97
CA THR C 181 10.32 -23.44 20.53
C THR C 181 9.83 -23.36 21.96
N PRO C 182 10.34 -22.43 22.79
CA PRO C 182 9.75 -22.19 24.09
C PRO C 182 8.35 -21.55 23.98
N ALA C 183 7.53 -21.81 25.00
CA ALA C 183 6.09 -21.46 25.02
C ALA C 183 5.86 -20.01 24.62
N SER D 2 40.25 18.21 -35.03
CA SER D 2 38.90 17.66 -34.70
C SER D 2 38.31 18.37 -33.48
N ILE D 3 37.02 18.16 -33.24
CA ILE D 3 36.27 18.88 -32.18
C ILE D 3 37.02 18.81 -30.85
N SER D 4 37.03 19.93 -30.14
CA SER D 4 37.66 20.05 -28.81
C SER D 4 36.65 20.72 -27.92
N ILE D 5 36.48 20.20 -26.71
CA ILE D 5 35.43 20.66 -25.77
C ILE D 5 36.08 21.03 -24.45
N SER D 6 35.72 22.19 -23.94
CA SER D 6 36.07 22.62 -22.56
CA SER D 6 36.05 22.62 -22.55
C SER D 6 34.81 22.69 -21.65
N TYR D 7 34.91 22.13 -20.46
CA TYR D 7 33.74 22.13 -19.56
C TYR D 7 34.18 22.38 -18.14
N SER D 8 33.35 23.11 -17.39
CA SER D 8 33.51 23.20 -15.92
C SER D 8 33.38 21.81 -15.30
N THR D 9 34.30 21.46 -14.38
CA THR D 9 34.24 20.20 -13.60
C THR D 9 32.85 19.94 -13.04
N THR D 10 32.08 20.96 -12.76
CA THR D 10 30.69 20.79 -12.28
C THR D 10 29.88 19.89 -13.22
N TYR D 11 30.13 19.93 -14.52
CA TYR D 11 29.29 19.18 -15.49
C TYR D 11 29.94 17.87 -15.91
N SER D 12 30.98 17.44 -15.20
N SER D 12 30.98 17.43 -15.21
CA SER D 12 31.74 16.20 -15.52
CA SER D 12 31.74 16.20 -15.54
C SER D 12 30.80 15.02 -15.80
C SER D 12 30.79 15.02 -15.82
N GLY D 13 29.78 14.83 -14.97
CA GLY D 13 28.87 13.69 -15.07
C GLY D 13 27.59 13.99 -15.84
N TRP D 14 27.49 15.15 -16.45
CA TRP D 14 26.37 15.46 -17.37
C TRP D 14 26.64 14.90 -18.76
N THR D 15 25.58 14.43 -19.42
CA THR D 15 25.66 14.18 -20.89
C THR D 15 25.63 15.53 -21.61
N VAL D 16 26.20 15.58 -22.79
CA VAL D 16 26.23 16.85 -23.57
C VAL D 16 24.79 17.22 -23.94
N ALA D 17 23.97 16.22 -24.21
CA ALA D 17 22.56 16.43 -24.57
C ALA D 17 21.80 17.07 -23.41
N ASP D 18 21.95 16.54 -22.21
CA ASP D 18 21.18 17.06 -21.05
C ASP D 18 21.60 18.50 -20.77
N TYR D 19 22.89 18.78 -20.76
CA TYR D 19 23.34 20.16 -20.49
C TYR D 19 22.81 21.10 -21.56
N LEU D 20 22.99 20.75 -22.83
CA LEU D 20 22.54 21.64 -23.93
C LEU D 20 21.02 21.83 -23.86
N ALA D 21 20.26 20.78 -23.55
CA ALA D 21 18.79 20.92 -23.43
C ALA D 21 18.43 21.79 -22.23
N ASP D 22 19.14 21.64 -21.10
CA ASP D 22 18.91 22.51 -19.91
C ASP D 22 19.43 23.94 -20.14
N TRP D 23 20.49 24.12 -20.91
CA TRP D 23 20.99 25.50 -21.11
C TRP D 23 20.00 26.29 -21.97
N SER D 24 19.39 25.65 -22.97
CA SER D 24 18.39 26.30 -23.83
C SER D 24 17.22 26.80 -22.96
N ALA D 25 16.69 25.96 -22.10
CA ALA D 25 15.65 26.37 -21.15
C ALA D 25 16.16 27.53 -20.30
N TYR D 26 17.39 27.47 -19.81
CA TYR D 26 17.96 28.50 -18.93
C TYR D 26 18.12 29.83 -19.69
N PHE D 27 18.65 29.76 -20.91
CA PHE D 27 18.81 30.95 -21.77
C PHE D 27 17.44 31.41 -22.25
N GLY D 28 16.65 30.47 -22.76
CA GLY D 28 15.28 30.76 -23.22
C GLY D 28 15.25 31.22 -24.67
N ASP D 29 14.28 32.05 -24.98
CA ASP D 29 14.04 32.58 -26.34
C ASP D 29 13.98 34.11 -26.20
N VAL D 30 14.90 34.82 -26.86
CA VAL D 30 14.89 36.30 -26.83
C VAL D 30 13.87 36.85 -27.83
N ASN D 31 13.22 36.00 -28.60
CA ASN D 31 12.12 36.43 -29.49
C ASN D 31 12.64 37.40 -30.55
N HIS D 32 13.70 37.00 -31.21
CA HIS D 32 14.22 37.76 -32.37
C HIS D 32 13.44 37.33 -33.59
N ARG D 33 12.28 37.94 -33.78
N ARG D 33 12.28 37.94 -33.77
CA ARG D 33 11.32 37.65 -34.85
CA ARG D 33 11.30 37.66 -34.84
C ARG D 33 10.76 38.97 -35.37
C ARG D 33 10.77 38.98 -35.36
N PRO D 34 10.40 39.04 -36.65
CA PRO D 34 9.89 40.29 -37.22
C PRO D 34 8.75 40.90 -36.39
N GLY D 35 8.85 42.21 -36.17
CA GLY D 35 7.94 42.94 -35.29
C GLY D 35 8.31 42.85 -33.84
N GLN D 36 9.31 42.04 -33.48
CA GLN D 36 9.66 41.77 -32.06
C GLN D 36 11.13 42.09 -31.80
N VAL D 37 11.86 42.56 -32.80
CA VAL D 37 13.28 42.92 -32.62
C VAL D 37 13.36 44.31 -32.00
N VAL D 38 14.09 44.37 -30.89
CA VAL D 38 14.38 45.64 -30.19
C VAL D 38 15.89 45.79 -30.18
N ASP D 39 16.36 46.80 -30.88
CA ASP D 39 17.81 47.12 -30.95
C ASP D 39 18.36 47.25 -29.54
N GLY D 40 19.41 46.50 -29.24
CA GLY D 40 20.06 46.57 -27.91
C GLY D 40 19.38 45.72 -26.86
N SER D 41 18.29 45.05 -27.20
CA SER D 41 17.61 44.15 -26.24
C SER D 41 17.70 42.69 -26.69
N ASN D 42 17.42 42.38 -27.94
CA ASN D 42 17.44 40.98 -28.41
C ASN D 42 18.07 40.91 -29.80
N THR D 43 18.96 41.83 -30.12
CA THR D 43 19.67 41.78 -31.43
C THR D 43 20.96 40.99 -31.32
N GLY D 44 21.61 40.99 -30.16
CA GLY D 44 23.00 40.55 -30.08
C GLY D 44 23.96 41.52 -30.76
N GLY D 45 25.23 41.14 -30.81
CA GLY D 45 26.28 42.02 -31.32
C GLY D 45 27.36 41.27 -32.06
N PHE D 46 27.82 41.88 -33.15
CA PHE D 46 29.01 41.41 -33.88
C PHE D 46 30.25 42.15 -33.38
N ASN D 47 31.37 41.44 -33.41
CA ASN D 47 32.73 41.99 -33.19
C ASN D 47 33.56 41.66 -34.42
N PRO D 48 34.05 42.62 -35.22
CA PRO D 48 33.90 44.07 -35.05
C PRO D 48 32.51 44.65 -35.27
N GLY D 49 31.73 43.93 -36.06
CA GLY D 49 30.45 44.45 -36.59
C GLY D 49 30.69 45.53 -37.64
N PRO D 50 29.63 46.25 -38.01
CA PRO D 50 28.32 46.04 -37.44
C PRO D 50 27.61 44.79 -37.97
N PHE D 51 27.94 44.31 -39.16
CA PHE D 51 27.15 43.20 -39.75
C PHE D 51 27.99 41.96 -40.02
N ASP D 52 29.26 42.00 -39.68
CA ASP D 52 30.16 40.85 -39.89
C ASP D 52 31.07 40.80 -38.68
N GLY D 53 31.53 39.61 -38.33
CA GLY D 53 32.46 39.54 -37.21
C GLY D 53 33.14 38.21 -37.11
N SER D 54 34.25 38.22 -36.38
CA SER D 54 34.89 37.00 -35.86
C SER D 54 34.10 36.49 -34.66
N GLN D 55 33.15 37.29 -34.14
CA GLN D 55 32.29 36.86 -33.02
C GLN D 55 30.89 37.42 -33.27
N TYR D 56 29.89 36.62 -32.93
CA TYR D 56 28.53 37.12 -32.66
C TYR D 56 28.16 36.62 -31.27
N ALA D 57 27.68 37.52 -30.42
CA ALA D 57 27.42 37.23 -29.00
C ALA D 57 26.04 37.75 -28.62
N LEU D 58 25.37 37.01 -27.76
CA LEU D 58 24.00 37.39 -27.37
C LEU D 58 23.78 37.06 -25.90
N LYS D 59 23.17 38.00 -25.17
CA LYS D 59 22.71 37.74 -23.78
C LYS D 59 21.25 37.31 -23.80
N SER D 60 20.91 36.40 -22.90
CA SER D 60 19.51 36.03 -22.64
C SER D 60 18.78 37.25 -22.09
N THR D 61 17.50 37.37 -22.40
CA THR D 61 16.63 38.42 -21.83
C THR D 61 15.85 37.87 -20.64
N ALA D 62 16.12 36.63 -20.25
CA ALA D 62 15.46 35.96 -19.11
C ALA D 62 16.44 35.76 -17.94
N SER D 63 17.65 35.29 -18.23
CA SER D 63 18.63 34.95 -17.18
C SER D 63 19.92 35.73 -17.39
N ASP D 64 20.94 35.40 -16.60
CA ASP D 64 22.32 35.87 -16.87
C ASP D 64 22.95 35.09 -18.01
N ALA D 65 22.30 34.07 -18.54
CA ALA D 65 22.86 33.25 -19.63
C ALA D 65 23.32 34.13 -20.80
N ALA D 66 24.37 33.67 -21.49
CA ALA D 66 24.91 34.35 -22.69
C ALA D 66 25.69 33.36 -23.49
N PHE D 67 25.73 33.53 -24.81
CA PHE D 67 26.62 32.68 -25.64
C PHE D 67 27.44 33.54 -26.57
N ILE D 68 28.53 32.95 -27.08
CA ILE D 68 29.40 33.58 -28.10
C ILE D 68 29.64 32.59 -29.23
N ALA D 69 29.32 33.00 -30.44
CA ALA D 69 29.68 32.26 -31.66
C ALA D 69 30.98 32.85 -32.23
N GLY D 70 31.95 31.97 -32.46
CA GLY D 70 33.27 32.37 -32.96
C GLY D 70 33.49 31.85 -34.35
N GLY D 71 34.09 32.68 -35.21
CA GLY D 71 34.46 32.23 -36.54
C GLY D 71 34.68 33.37 -37.49
N ASP D 72 33.93 33.40 -38.57
CA ASP D 72 34.03 34.42 -39.64
C ASP D 72 32.60 34.54 -40.18
N LEU D 73 31.80 35.33 -39.50
CA LEU D 73 30.34 35.30 -39.65
C LEU D 73 29.87 36.57 -40.34
N HIS D 74 28.73 36.44 -40.99
CA HIS D 74 28.17 37.49 -41.84
C HIS D 74 26.66 37.45 -41.69
N TYR D 75 26.03 38.60 -41.49
CA TYR D 75 24.57 38.69 -41.47
C TYR D 75 24.12 39.46 -42.71
N THR D 76 23.11 38.95 -43.40
CA THR D 76 22.70 39.56 -44.69
C THR D 76 21.79 40.78 -44.48
N LEU D 77 21.18 40.93 -43.30
CA LEU D 77 20.09 41.91 -43.09
C LEU D 77 19.07 41.77 -44.24
N PHE D 78 19.02 42.70 -45.18
CA PHE D 78 18.01 42.59 -46.26
C PHE D 78 18.58 42.08 -47.56
N SER D 79 19.88 41.84 -47.64
CA SER D 79 20.45 41.21 -48.85
C SER D 79 19.92 39.78 -48.98
N ASN D 80 19.67 39.37 -50.22
CA ASN D 80 19.08 38.04 -50.48
C ASN D 80 20.14 36.99 -50.20
N PRO D 81 19.82 35.88 -49.49
CA PRO D 81 18.56 35.64 -48.78
C PRO D 81 18.53 36.45 -47.48
N SER D 82 17.41 37.09 -47.21
CA SER D 82 17.33 38.09 -46.12
C SER D 82 17.51 37.41 -44.75
N HIS D 83 18.08 38.15 -43.82
CA HIS D 83 18.18 37.73 -42.41
C HIS D 83 18.79 36.32 -42.31
N THR D 84 19.92 36.15 -42.96
CA THR D 84 20.73 34.92 -42.89
C THR D 84 22.03 35.22 -42.15
N LEU D 85 22.34 34.41 -41.14
CA LEU D 85 23.69 34.37 -40.55
C LEU D 85 24.45 33.22 -41.22
N TRP D 86 25.58 33.55 -41.84
CA TRP D 86 26.32 32.54 -42.63
C TRP D 86 27.82 32.74 -42.44
N GLY D 87 28.61 31.90 -43.09
CA GLY D 87 30.07 31.94 -42.98
C GLY D 87 30.62 30.78 -42.19
N LYS D 88 31.74 31.00 -41.52
CA LYS D 88 32.44 29.93 -40.76
C LYS D 88 32.07 30.02 -39.28
N LEU D 89 31.64 28.89 -38.71
CA LEU D 89 31.43 28.76 -37.26
C LEU D 89 32.45 27.76 -36.72
N ASP D 90 33.46 28.26 -36.04
CA ASP D 90 34.55 27.46 -35.44
C ASP D 90 34.25 27.13 -33.99
N SER D 91 33.51 27.98 -33.27
CA SER D 91 33.39 27.81 -31.81
C SER D 91 32.04 28.32 -31.31
N ILE D 92 31.59 27.70 -30.23
CA ILE D 92 30.40 28.11 -29.45
C ILE D 92 30.79 28.06 -27.98
N ALA D 93 30.53 29.13 -27.25
CA ALA D 93 30.83 29.21 -25.81
C ALA D 93 29.56 29.58 -25.04
N LEU D 94 29.24 28.81 -24.01
CA LEU D 94 28.01 29.00 -23.22
C LEU D 94 28.34 29.38 -21.78
N GLY D 95 27.55 30.29 -21.22
CA GLY D 95 27.69 30.54 -19.78
C GLY D 95 26.90 31.71 -19.27
N ASP D 96 27.50 32.43 -18.32
CA ASP D 96 26.84 33.53 -17.60
C ASP D 96 27.60 34.81 -17.90
N THR D 97 26.86 35.90 -18.07
CA THR D 97 27.39 37.28 -17.97
C THR D 97 28.36 37.61 -19.12
N LEU D 98 27.83 38.14 -20.20
CA LEU D 98 28.66 38.58 -21.33
C LEU D 98 29.40 39.86 -20.93
N THR D 99 30.64 39.97 -21.38
CA THR D 99 31.48 41.16 -21.14
CA THR D 99 31.45 41.18 -21.16
C THR D 99 32.13 41.59 -22.45
N GLY D 100 32.32 42.90 -22.61
CA GLY D 100 33.18 43.42 -23.68
C GLY D 100 32.42 43.73 -24.95
N GLY D 101 33.09 43.64 -26.09
CA GLY D 101 32.53 44.12 -27.35
C GLY D 101 33.62 44.58 -28.28
N ALA D 102 33.21 45.17 -29.39
CA ALA D 102 34.10 45.43 -30.56
C ALA D 102 35.21 46.41 -30.17
N SER D 103 35.00 47.26 -29.17
CA SER D 103 36.02 48.27 -28.77
C SER D 103 36.37 48.08 -27.29
N SER D 104 36.54 46.84 -26.85
CA SER D 104 37.08 46.62 -25.49
C SER D 104 37.90 45.34 -25.43
N GLY D 105 38.27 44.79 -26.59
CA GLY D 105 39.11 43.59 -26.69
C GLY D 105 38.33 42.35 -27.14
N GLY D 106 37.12 42.51 -27.67
CA GLY D 106 36.26 41.38 -28.06
C GLY D 106 35.21 41.04 -27.01
N TYR D 107 34.47 39.99 -27.27
CA TYR D 107 33.51 39.46 -26.29
C TYR D 107 34.15 38.36 -25.45
N ALA D 108 33.79 38.29 -24.18
CA ALA D 108 34.11 37.15 -23.32
C ALA D 108 32.95 36.87 -22.38
N LEU D 109 32.99 35.70 -21.75
CA LEU D 109 32.00 35.33 -20.74
C LEU D 109 32.65 35.48 -19.36
N ASP D 110 31.96 36.12 -18.44
CA ASP D 110 32.47 36.21 -17.06
C ASP D 110 32.54 34.81 -16.45
N SER D 111 31.55 33.96 -16.74
CA SER D 111 31.53 32.56 -16.25
CA SER D 111 31.52 32.56 -16.26
C SER D 111 31.27 31.62 -17.43
N GLN D 112 32.33 31.23 -18.12
CA GLN D 112 32.19 30.22 -19.20
C GLN D 112 32.02 28.85 -18.56
N GLU D 113 31.04 28.09 -19.00
CA GLU D 113 30.85 26.72 -18.44
C GLU D 113 31.36 25.68 -19.43
N VAL D 114 30.94 25.80 -20.68
CA VAL D 114 31.28 24.79 -21.73
CA VAL D 114 31.29 24.79 -21.72
C VAL D 114 31.57 25.56 -23.01
N SER D 115 32.56 25.11 -23.72
CA SER D 115 32.89 25.67 -25.06
C SER D 115 33.08 24.51 -26.01
N PHE D 116 32.56 24.64 -27.22
CA PHE D 116 32.86 23.68 -28.32
C PHE D 116 33.64 24.42 -29.40
N SER D 117 34.79 23.86 -29.80
CA SER D 117 35.72 24.49 -30.76
C SER D 117 36.07 23.51 -31.87
N ASN D 118 36.68 24.03 -32.94
CA ASN D 118 37.03 23.25 -34.14
C ASN D 118 35.76 22.65 -34.74
N LEU D 119 34.68 23.40 -34.75
CA LEU D 119 33.40 22.84 -35.25
C LEU D 119 33.48 22.64 -36.76
N GLY D 120 34.34 23.39 -37.44
CA GLY D 120 34.55 23.15 -38.89
C GLY D 120 33.34 23.49 -39.73
N LEU D 121 32.37 24.22 -39.20
CA LEU D 121 31.12 24.51 -39.96
C LEU D 121 31.36 25.68 -40.93
N ASP D 122 30.81 25.57 -42.13
CA ASP D 122 31.02 26.59 -43.19
C ASP D 122 29.76 26.59 -44.06
N SER D 123 28.90 27.57 -43.86
CA SER D 123 27.61 27.66 -44.57
C SER D 123 27.67 28.82 -45.54
N PRO D 124 27.37 28.59 -46.83
CA PRO D 124 27.37 29.67 -47.81
C PRO D 124 26.08 30.48 -47.77
N ILE D 125 26.20 31.72 -48.24
CA ILE D 125 25.06 32.66 -48.25
C ILE D 125 23.89 32.00 -49.00
N ALA D 126 24.16 31.28 -50.09
CA ALA D 126 23.08 30.77 -50.96
C ALA D 126 22.18 29.80 -50.18
N GLN D 127 22.68 29.15 -49.14
CA GLN D 127 21.81 28.20 -48.40
CA GLN D 127 21.86 28.20 -48.36
C GLN D 127 20.81 28.95 -47.51
N GLY D 128 20.94 30.28 -47.39
CA GLY D 128 19.99 31.08 -46.60
C GLY D 128 19.85 30.56 -45.17
N ARG D 129 18.67 30.72 -44.59
CA ARG D 129 18.42 30.27 -43.20
C ARG D 129 18.35 28.76 -43.09
N ASP D 130 18.52 28.03 -44.19
CA ASP D 130 18.65 26.56 -44.16
C ASP D 130 20.10 26.15 -43.96
N GLY D 131 21.03 27.10 -43.93
CA GLY D 131 22.43 26.77 -43.64
C GLY D 131 22.60 26.25 -42.22
N THR D 132 23.52 25.32 -42.04
CA THR D 132 23.77 24.74 -40.72
C THR D 132 24.18 25.81 -39.71
N VAL D 133 24.98 26.78 -40.15
CA VAL D 133 25.46 27.83 -39.22
C VAL D 133 24.27 28.64 -38.74
N HIS D 134 23.39 29.03 -39.64
CA HIS D 134 22.18 29.81 -39.27
C HIS D 134 21.35 29.02 -38.26
N LYS D 135 21.07 27.75 -38.56
CA LYS D 135 20.18 26.93 -37.70
C LYS D 135 20.85 26.70 -36.34
N VAL D 136 22.16 26.47 -36.31
CA VAL D 136 22.87 26.23 -35.02
C VAL D 136 22.72 27.47 -34.13
N VAL D 137 23.05 28.64 -34.66
CA VAL D 137 23.08 29.86 -33.82
C VAL D 137 21.67 30.35 -33.54
N TYR D 138 20.79 30.32 -34.53
CA TYR D 138 19.39 30.80 -34.28
C TYR D 138 18.72 29.92 -33.23
N GLY D 139 19.02 28.63 -33.22
CA GLY D 139 18.47 27.75 -32.18
C GLY D 139 18.92 28.17 -30.80
N LEU D 140 20.16 28.59 -30.64
CA LEU D 140 20.67 29.08 -29.34
C LEU D 140 19.93 30.37 -28.95
N MET D 141 19.62 31.22 -29.91
CA MET D 141 18.89 32.49 -29.68
C MET D 141 17.44 32.19 -29.31
N SER D 142 16.90 31.06 -29.77
CA SER D 142 15.44 30.87 -29.72
C SER D 142 15.00 29.72 -28.82
N GLY D 143 15.86 29.19 -27.97
CA GLY D 143 15.45 28.17 -26.98
C GLY D 143 15.44 26.74 -27.49
N ASP D 144 16.07 26.47 -28.63
CA ASP D 144 16.07 25.11 -29.22
C ASP D 144 17.48 24.80 -29.68
N SER D 145 18.21 23.96 -28.95
CA SER D 145 19.63 23.70 -29.29
C SER D 145 19.80 22.41 -30.07
N SER D 146 18.74 21.87 -30.68
CA SER D 146 18.85 20.56 -31.35
C SER D 146 19.79 20.65 -32.56
N ALA D 147 19.82 21.78 -33.26
CA ALA D 147 20.76 21.90 -34.41
C ALA D 147 22.19 21.79 -33.89
N LEU D 148 22.52 22.50 -32.80
CA LEU D 148 23.89 22.41 -32.25
C LEU D 148 24.17 20.99 -31.81
N GLN D 149 23.22 20.36 -31.14
CA GLN D 149 23.38 18.97 -30.66
C GLN D 149 23.71 18.02 -31.80
N GLY D 150 22.96 18.09 -32.90
CA GLY D 150 23.18 17.21 -34.04
C GLY D 150 24.54 17.45 -34.66
N GLN D 151 25.00 18.70 -34.67
CA GLN D 151 26.34 18.98 -35.24
C GLN D 151 27.44 18.44 -34.31
N ILE D 152 27.26 18.56 -33.00
CA ILE D 152 28.29 18.00 -32.09
C ILE D 152 28.27 16.47 -32.19
N ASP D 153 27.10 15.87 -32.24
CA ASP D 153 27.00 14.39 -32.40
C ASP D 153 27.80 13.94 -33.63
N ALA D 154 27.62 14.59 -34.77
CA ALA D 154 28.33 14.18 -36.01
C ALA D 154 29.84 14.36 -35.84
N LEU D 155 30.27 15.45 -35.20
CA LEU D 155 31.71 15.67 -34.98
C LEU D 155 32.27 14.63 -34.01
N LEU D 156 31.51 14.25 -32.98
CA LEU D 156 32.01 13.24 -32.01
C LEU D 156 32.14 11.89 -32.73
N LYS D 157 31.15 11.52 -33.51
CA LYS D 157 31.15 10.21 -34.17
C LYS D 157 32.25 10.14 -35.23
N ALA D 158 32.67 11.27 -35.79
CA ALA D 158 33.80 11.27 -36.73
C ALA D 158 35.11 10.94 -36.00
N VAL D 159 35.17 11.21 -34.71
CA VAL D 159 36.39 10.85 -33.93
C VAL D 159 36.34 9.37 -33.57
N ASP D 160 35.16 8.90 -33.17
CA ASP D 160 34.93 7.51 -32.72
C ASP D 160 33.43 7.29 -32.77
N PRO D 161 32.92 6.36 -33.59
CA PRO D 161 31.48 6.20 -33.72
C PRO D 161 30.78 5.65 -32.47
N SER D 162 31.54 5.33 -31.42
CA SER D 162 30.95 4.87 -30.14
C SER D 162 30.65 6.07 -29.23
N LEU D 163 31.17 7.25 -29.55
CA LEU D 163 30.85 8.47 -28.81
C LEU D 163 29.57 9.08 -29.39
N SER D 164 28.87 9.83 -28.57
CA SER D 164 27.69 10.55 -29.07
C SER D 164 27.45 11.75 -28.16
N ILE D 165 26.44 12.51 -28.53
CA ILE D 165 25.92 13.63 -27.69
C ILE D 165 25.48 13.11 -26.32
N ASN D 166 25.17 11.82 -26.21
CA ASN D 166 24.73 11.21 -24.95
C ASN D 166 25.88 10.73 -24.10
N SER D 167 27.12 10.88 -24.55
CA SER D 167 28.30 10.64 -23.70
C SER D 167 28.41 11.72 -22.63
N THR D 168 28.95 11.38 -21.48
CA THR D 168 29.22 12.39 -20.45
C THR D 168 30.46 13.21 -20.86
N PHE D 169 30.62 14.38 -20.26
CA PHE D 169 31.83 15.18 -20.50
C PHE D 169 33.07 14.40 -20.07
N ASP D 170 33.00 13.73 -18.92
N ASP D 170 33.00 13.72 -18.93
CA ASP D 170 34.14 12.90 -18.45
CA ASP D 170 34.13 12.89 -18.43
C ASP D 170 34.47 11.81 -19.46
C ASP D 170 34.47 11.81 -19.45
N GLN D 171 33.45 11.18 -20.02
CA GLN D 171 33.68 10.13 -21.03
C GLN D 171 34.37 10.73 -22.26
N LEU D 172 33.95 11.93 -22.66
CA LEU D 172 34.62 12.61 -23.80
C LEU D 172 36.03 13.02 -23.37
N ALA D 173 36.20 13.43 -22.12
CA ALA D 173 37.56 13.71 -21.59
C ALA D 173 38.41 12.45 -21.72
N ALA D 174 37.86 11.29 -21.36
CA ALA D 174 38.62 10.02 -21.47
C ALA D 174 38.93 9.71 -22.94
N ALA D 175 38.10 10.12 -23.88
CA ALA D 175 38.33 9.85 -25.31
C ALA D 175 39.29 10.87 -25.94
N GLY D 176 39.74 11.87 -25.18
CA GLY D 176 40.72 12.85 -25.66
C GLY D 176 40.09 13.99 -26.44
N VAL D 177 38.77 14.11 -26.35
CA VAL D 177 38.06 15.20 -27.05
C VAL D 177 37.83 16.38 -26.11
N ALA D 178 37.72 16.13 -24.80
CA ALA D 178 37.23 17.14 -23.85
C ALA D 178 38.25 17.35 -22.74
N HIS D 179 38.22 18.54 -22.16
CA HIS D 179 39.17 18.96 -21.11
C HIS D 179 38.38 19.70 -20.04
N ALA D 180 38.50 19.26 -18.80
CA ALA D 180 37.82 19.90 -17.66
C ALA D 180 38.53 21.19 -17.29
N THR D 181 37.76 22.16 -16.83
CA THR D 181 38.27 23.42 -16.27
C THR D 181 37.76 23.55 -14.85
N PRO D 182 38.47 24.27 -13.98
CA PRO D 182 37.93 24.52 -12.63
C PRO D 182 36.60 25.25 -12.72
N ALA D 183 35.82 25.11 -11.66
CA ALA D 183 34.41 25.59 -11.64
C ALA D 183 34.34 27.08 -11.91
CAZ 7OH E . -38.14 -45.33 25.11
CBA 7OH E . -38.69 -46.58 24.74
NBB 7OH E . -39.93 -46.97 25.05
CBC 7OH E . -40.69 -46.12 25.74
CBD 7OH E . -40.17 -44.88 26.18
CAY 7OH E . -38.89 -44.44 25.87
CAA 7OH E . -38.39 -43.17 26.29
CAJ 7OH E . -39.01 -42.08 25.77
CAK 7OH E . -39.95 -42.10 24.81
CAL 7OH E . -40.30 -40.86 24.54
CAM 7OH E . -39.56 -40.02 25.26
NAN 7OH E . -38.75 -40.77 26.02
CAH 7OH E . -37.34 -43.16 27.16
NAI 7OH E . -36.71 -42.06 27.63
CAG 7OH E . -36.70 -44.22 27.68
CAF 7OH E . -35.72 -43.79 28.43
CAE 7OH E . -35.72 -42.46 28.46
CAD 7OH E . -34.87 -41.60 29.13
CBQ 7OH E . -33.93 -42.19 30.00
CBR 7OH E . -34.36 -42.90 31.12
CBS 7OH E . -33.42 -43.47 32.00
NBT 7OH E . -32.11 -43.32 31.80
CBU 7OH E . -31.66 -42.64 30.75
CBV 7OH E . -32.56 -42.06 29.84
CAW 7OH E . -34.88 -40.25 29.10
NAX 7OH E . -35.70 -39.45 28.40
CAV 7OH E . -34.06 -39.43 29.76
CAU 7OH E . -34.36 -38.17 29.48
CAT 7OH E . -35.37 -38.16 28.61
CAC 7OH E . -36.02 -37.08 28.09
CBK 7OH E . -35.42 -35.78 28.27
CBL 7OH E . -36.09 -34.67 28.77
CBM 7OH E . -35.47 -33.43 28.86
NBN 7OH E . -34.18 -33.29 28.47
CBO 7OH E . -33.51 -34.32 27.99
CBP 7OH E . -34.13 -35.56 27.87
CAR 7OH E . -37.10 -37.13 27.26
NAS 7OH E . -37.73 -38.23 26.82
CAQ 7OH E . -37.73 -36.11 26.73
CAP 7OH E . -38.70 -36.53 25.95
CAO 7OH E . -38.73 -37.84 25.97
CAB 7OH E . -39.61 -38.65 25.27
CBE 7OH E . -40.56 -38.06 24.40
CBF 7OH E . -40.16 -37.27 23.33
CBG 7OH E . -41.07 -36.69 22.44
NBH 7OH E . -42.38 -36.90 22.59
CBI 7OH E . -42.80 -37.67 23.62
CBJ 7OH E . -41.91 -38.27 24.52
FE 7OH E . -37.27 -40.08 27.26
CAZ 7OH F . -10.21 1.67 -11.65
CBA 7OH F . -10.74 0.43 -12.05
NBB 7OH F . -11.96 0.01 -11.64
CBC 7OH F . -12.64 0.82 -10.79
CBD 7OH F . -12.15 2.06 -10.33
CAY 7OH F . -10.91 2.50 -10.77
CAA 7OH F . -10.40 3.74 -10.38
CAJ 7OH F . -11.03 4.79 -10.94
CAK 7OH F . -12.02 4.76 -11.85
CAL 7OH F . -12.38 6.01 -12.14
CAM 7OH F . -11.61 6.86 -11.44
NAN 7OH F . -10.77 6.09 -10.70
CAH 7OH F . -9.37 3.77 -9.49
NAI 7OH F . -8.76 4.87 -9.04
CAG 7OH F . -8.76 2.72 -8.90
CAF 7OH F . -7.79 3.14 -8.13
CAE 7OH F . -7.76 4.49 -8.19
CAD 7OH F . -6.92 5.34 -7.53
CBQ 7OH F . -5.97 4.74 -6.68
CBR 7OH F . -6.38 4.13 -5.47
CBS 7OH F . -5.43 3.54 -4.62
NBT 7OH F . -4.13 3.56 -4.93
CBU 7OH F . -3.70 4.18 -6.06
CBV 7OH F . -4.61 4.76 -6.95
CAW 7OH F . -6.90 6.68 -7.59
NAX 7OH F . -7.73 7.46 -8.33
CAV 7OH F . -6.07 7.50 -6.94
CAU 7OH F . -6.39 8.76 -7.29
CAT 7OH F . -7.39 8.76 -8.16
CAC 7OH F . -8.01 9.83 -8.70
CBK 7OH F . -7.41 11.12 -8.51
CBL 7OH F . -8.03 12.23 -7.96
CBM 7OH F . -7.37 13.45 -7.86
NBN 7OH F . -6.09 13.59 -8.29
CBO 7OH F . -5.46 12.55 -8.82
CBP 7OH F . -6.11 11.33 -8.94
CAR 7OH F . -9.11 9.79 -9.53
NAS 7OH F . -9.77 8.68 -9.97
CAQ 7OH F . -9.76 10.82 -10.07
CAP 7OH F . -10.75 10.37 -10.81
CAO 7OH F . -10.79 9.05 -10.80
CAB 7OH F . -11.64 8.22 -11.45
CBE 7OH F . -12.61 8.81 -12.34
CBF 7OH F . -12.20 9.65 -13.40
CBG 7OH F . -13.16 10.21 -14.29
NBH 7OH F . -14.48 9.94 -14.17
CBI 7OH F . -14.91 9.13 -13.17
CBJ 7OH F . -14.01 8.56 -12.26
FE 7OH F . -9.23 6.76 -9.51
CAZ 7OH G . -12.84 -2.35 -0.33
CBA 7OH G . -13.58 -1.18 -0.62
NBB 7OH G . -14.12 -0.92 -1.82
CBC 7OH G . -13.94 -1.86 -2.77
CBD 7OH G . -13.18 -3.04 -2.55
CAY 7OH G . -12.63 -3.32 -1.30
CAA 7OH G . -11.91 -4.51 -1.09
CAJ 7OH G . -12.55 -5.69 -1.33
CAK 7OH G . -13.85 -5.86 -1.64
CAL 7OH G . -14.07 -7.16 -1.79
CAM 7OH G . -12.98 -7.88 -1.56
NAN 7OH G . -12.03 -6.95 -1.24
CAH 7OH G . -10.60 -4.37 -0.69
NAI 7OH G . -9.72 -5.39 -0.43
CAG 7OH G . -9.91 -3.24 -0.52
CAF 7OH G . -8.68 -3.53 -0.12
CAE 7OH G . -8.54 -4.86 -0.06
CAD 7OH G . -7.43 -5.55 0.27
CBQ 7OH G . -6.28 -4.79 0.62
CBR 7OH G . -5.58 -4.07 -0.35
CBS 7OH G . -4.43 -3.31 0.03
NBT 7OH G . -3.98 -3.30 1.32
CBU 7OH G . -4.65 -4.01 2.25
CBV 7OH G . -5.78 -4.73 1.94
CAW 7OH G . -7.30 -6.89 0.32
NAX 7OH G . -8.25 -7.79 0.02
CAV 7OH G . -6.21 -7.57 0.66
CAU 7OH G . -6.47 -8.87 0.58
CAT 7OH G . -7.74 -9.04 0.21
CAC 7OH G . -8.37 -10.21 0.00
CBK 7OH G . -7.67 -11.41 0.33
CBL 7OH G . -7.41 -12.43 -0.57
CBM 7OH G . -6.75 -13.59 -0.18
NBN 7OH G . -6.36 -13.76 1.11
CBO 7OH G . -6.64 -12.81 2.02
CBP 7OH G . -7.29 -11.65 1.65
CAR 7OH G . -9.64 -10.35 -0.50
NAS 7OH G . -10.50 -9.36 -0.82
CAQ 7OH G . -10.29 -11.50 -0.76
CAP 7OH G . -11.48 -11.24 -1.23
CAO 7OH G . -11.68 -9.91 -1.26
CAB 7OH G . -12.81 -9.24 -1.64
CBE 7OH G . -13.94 -10.02 -2.02
CBF 7OH G . -14.47 -11.04 -1.24
CBG 7OH G . -15.58 -11.79 -1.65
NBH 7OH G . -16.22 -11.52 -2.80
CBI 7OH G . -15.75 -10.54 -3.57
CBJ 7OH G . -14.62 -9.78 -3.22
FE 7OH G . -10.14 -7.37 -0.64
C1 GOL H . -1.36 -41.15 9.64
O1 GOL H . -0.97 -40.57 8.40
C2 GOL H . -0.68 -40.40 10.76
O2 GOL H . -0.65 -39.00 10.49
C3 GOL H . -1.35 -40.60 12.09
O3 GOL H . -0.42 -40.29 13.11
CAZ 7OH I . 15.03 44.47 -37.06
CBA 7OH I . 14.31 45.66 -37.28
NBB 7OH I . 13.82 45.96 -38.48
CBC 7OH I . 14.01 45.07 -39.46
CBD 7OH I . 14.73 43.88 -39.29
CAY 7OH I . 15.30 43.55 -38.07
CAA 7OH I . 16.07 42.36 -37.87
CAJ 7OH I . 15.45 41.18 -38.12
CAK 7OH I . 14.15 41.00 -38.44
CAL 7OH I . 13.92 39.69 -38.57
CAM 7OH I . 15.03 39.01 -38.34
NAN 7OH I . 15.99 39.92 -38.03
CAH 7OH I . 17.35 42.54 -37.43
NAI 7OH I . 18.23 41.54 -37.15
CAG 7OH I . 18.03 43.69 -37.24
CAF 7OH I . 19.27 43.40 -36.82
CAE 7OH I . 19.41 42.07 -36.75
CAD 7OH I . 20.50 41.36 -36.40
CBQ 7OH I . 21.68 42.10 -36.08
CBR 7OH I . 22.36 42.81 -37.03
CBS 7OH I . 23.50 43.56 -36.74
NBT 7OH I . 23.98 43.57 -35.51
CBU 7OH I . 23.37 42.88 -34.53
CBV 7OH I . 22.23 42.14 -34.81
CAW 7OH I . 20.62 40.01 -36.41
NAX 7OH I . 19.66 39.09 -36.75
CAV 7OH I . 21.70 39.31 -36.06
CAU 7OH I . 21.46 38.02 -36.18
CAT 7OH I . 20.20 37.83 -36.59
CAC 7OH I . 19.58 36.65 -36.84
CBK 7OH I . 20.27 35.47 -36.44
CBL 7OH I . 20.60 34.43 -37.28
CBM 7OH I . 21.27 33.31 -36.79
NBN 7OH I . 21.63 33.20 -35.50
CBO 7OH I . 21.33 34.18 -34.65
CBP 7OH I . 20.64 35.31 -35.11
CAR 7OH I . 18.32 36.47 -37.32
NAS 7OH I . 17.46 37.47 -37.62
CAQ 7OH I . 17.68 35.34 -37.60
CAP 7OH I . 16.46 35.61 -38.04
CAO 7OH I . 16.29 36.95 -38.04
CAB 7OH I . 15.18 37.65 -38.40
CBE 7OH I . 14.02 36.88 -38.78
CBF 7OH I . 13.45 35.92 -37.93
CBG 7OH I . 12.33 35.18 -38.33
NBH 7OH I . 11.73 35.36 -39.53
CBI 7OH I . 12.24 36.30 -40.37
CBJ 7OH I . 13.36 37.06 -40.02
FE 7OH I . 17.85 39.50 -37.39
C1 GOL J . 23.45 26.71 -14.79
O1 GOL J . 24.22 27.89 -15.01
C2 GOL J . 23.45 25.80 -15.99
O2 GOL J . 23.10 26.51 -17.18
C3 GOL J . 22.47 24.67 -15.82
O3 GOL J . 22.02 24.24 -17.10
C1 GOL K . 26.68 5.71 -27.14
O1 GOL K . 27.20 6.07 -28.41
C2 GOL K . 27.35 6.51 -26.06
O2 GOL K . 27.23 7.90 -26.29
C3 GOL K . 26.76 6.22 -24.71
O3 GOL K . 27.83 6.29 -23.76
#